data_6GBP
#
_entry.id   6GBP
#
_cell.length_a   61.421
_cell.length_b   103.923
_cell.length_c   186.287
_cell.angle_alpha   90.000
_cell.angle_beta   90.000
_cell.angle_gamma   90.000
#
_symmetry.space_group_name_H-M   'P 21 21 21'
#
loop_
_entity.id
_entity.type
_entity.pdbx_description
1 polymer 'Polymerase cofactor VP35'
2 non-polymer 'MERCURY (II) ION'
#
_entity_poly.entity_id   1
_entity_poly.type   'polypeptide(L)'
_entity_poly.pdbx_seq_one_letter_code
;MSFEEVVQTLASLATVVQQQTIASESLEQRITSLENGLKPVYDMAKTISSLNRVCAEMVAKYDLLLEHHHHHH
;
_entity_poly.pdbx_strand_id   A,B,C,D,E,F,G,H,I,J,K,L
#
loop_
_chem_comp.id
_chem_comp.type
_chem_comp.name
_chem_comp.formula
HG non-polymer 'MERCURY (II) ION' 'Hg 2'
#
# COMPACT_ATOMS: atom_id res chain seq x y z
N SER A 2 -3.57 -10.27 84.84
CA SER A 2 -3.87 -11.57 85.50
C SER A 2 -3.28 -12.75 84.72
N PHE A 3 -3.44 -13.96 85.27
CA PHE A 3 -2.98 -15.18 84.61
C PHE A 3 -3.89 -15.59 83.44
N GLU A 4 -5.18 -15.27 83.51
CA GLU A 4 -6.12 -15.56 82.41
C GLU A 4 -5.80 -14.73 81.15
N GLU A 5 -5.17 -13.57 81.33
CA GLU A 5 -4.62 -12.79 80.22
C GLU A 5 -3.46 -13.52 79.55
N VAL A 6 -2.59 -14.14 80.36
CA VAL A 6 -1.49 -14.98 79.84
C VAL A 6 -2.03 -16.20 79.07
N VAL A 7 -3.07 -16.83 79.58
CA VAL A 7 -3.69 -17.99 78.93
C VAL A 7 -4.40 -17.61 77.61
N GLN A 8 -5.31 -16.63 77.69
CA GLN A 8 -6.07 -16.15 76.50
C GLN A 8 -5.17 -15.66 75.34
N THR A 9 -4.12 -14.91 75.69
CA THR A 9 -3.20 -14.34 74.71
C THR A 9 -2.33 -15.40 74.04
N LEU A 10 -1.77 -16.31 74.84
CA LEU A 10 -0.93 -17.40 74.31
C LEU A 10 -1.71 -18.38 73.41
N ALA A 11 -3.03 -18.44 73.57
CA ALA A 11 -3.89 -19.20 72.64
C ALA A 11 -3.96 -18.50 71.29
N SER A 12 -4.39 -17.25 71.29
CA SER A 12 -4.52 -16.43 70.07
C SER A 12 -3.21 -16.32 69.30
N LEU A 13 -2.12 -16.10 70.04
CA LEU A 13 -0.77 -16.01 69.47
C LEU A 13 -0.31 -17.32 68.82
N ALA A 14 -0.59 -18.44 69.49
CA ALA A 14 -0.31 -19.78 68.94
C ALA A 14 -1.11 -20.03 67.67
N THR A 15 -2.37 -19.59 67.65
CA THR A 15 -3.22 -19.72 66.47
C THR A 15 -2.70 -18.89 65.30
N VAL A 16 -2.16 -17.70 65.59
CA VAL A 16 -1.57 -16.83 64.56
C VAL A 16 -0.21 -17.35 64.09
N VAL A 17 0.58 -17.95 64.98
CA VAL A 17 1.84 -18.62 64.60
C VAL A 17 1.58 -19.80 63.67
N GLN A 18 0.51 -20.56 63.94
CA GLN A 18 0.02 -21.63 63.06
C GLN A 18 -0.40 -21.09 61.69
N GLN A 19 -1.14 -19.99 61.67
CA GLN A 19 -1.61 -19.36 60.42
C GLN A 19 -0.47 -18.84 59.54
N GLN A 20 0.64 -18.41 60.16
CA GLN A 20 1.85 -18.04 59.40
C GLN A 20 2.50 -19.25 58.75
N THR A 21 2.65 -20.34 59.50
CA THR A 21 3.27 -21.58 59.00
C THR A 21 2.52 -22.17 57.79
N ILE A 22 1.19 -22.13 57.85
CA ILE A 22 0.34 -22.62 56.76
C ILE A 22 0.40 -21.66 55.56
N ALA A 23 0.23 -20.36 55.82
CA ALA A 23 0.28 -19.34 54.77
C ALA A 23 1.67 -19.19 54.11
N SER A 24 2.73 -19.42 54.88
CA SER A 24 4.10 -19.40 54.33
C SER A 24 4.32 -20.54 53.34
N GLU A 25 3.85 -21.73 53.68
CA GLU A 25 3.91 -22.89 52.78
C GLU A 25 2.98 -22.73 51.57
N SER A 26 1.84 -22.06 51.80
CA SER A 26 0.90 -21.71 50.72
C SER A 26 1.50 -20.67 49.76
N LEU A 27 2.18 -19.67 50.32
CA LEU A 27 2.98 -18.71 49.56
C LEU A 27 4.14 -19.39 48.84
N GLU A 28 4.82 -20.31 49.53
CA GLU A 28 5.98 -21.03 48.99
C GLU A 28 5.65 -21.97 47.83
N GLN A 29 4.43 -22.50 47.81
CA GLN A 29 3.95 -23.28 46.66
C GLN A 29 3.88 -22.41 45.39
N ARG A 30 3.40 -21.17 45.53
CA ARG A 30 3.32 -20.23 44.41
C ARG A 30 4.68 -19.71 43.94
N ILE A 31 5.68 -19.71 44.83
CA ILE A 31 7.05 -19.33 44.44
C ILE A 31 7.69 -20.47 43.65
N THR A 32 7.52 -21.71 44.11
CA THR A 32 7.96 -22.90 43.38
C THR A 32 7.29 -23.02 42.01
N SER A 33 6.02 -22.62 41.94
CA SER A 33 5.25 -22.63 40.70
C SER A 33 5.83 -21.72 39.61
N LEU A 34 6.09 -20.47 39.95
CA LEU A 34 6.68 -19.49 39.02
C LEU A 34 8.08 -19.90 38.59
N GLU A 35 8.89 -20.33 39.55
CA GLU A 35 10.20 -20.93 39.27
C GLU A 35 10.09 -22.02 38.24
N ASN A 36 9.20 -22.98 38.47
CA ASN A 36 8.96 -24.08 37.52
C ASN A 36 8.31 -23.62 36.22
N GLY A 37 7.45 -22.61 36.30
CA GLY A 37 6.80 -22.04 35.12
C GLY A 37 7.73 -21.29 34.19
N LEU A 38 8.80 -20.76 34.75
CA LEU A 38 9.83 -20.05 33.99
C LEU A 38 10.78 -20.97 33.22
N LYS A 39 10.89 -22.24 33.64
CA LYS A 39 11.92 -23.16 33.12
C LYS A 39 11.81 -23.36 31.61
N PRO A 40 10.60 -23.70 31.09
CA PRO A 40 10.45 -23.97 29.66
C PRO A 40 10.81 -22.80 28.73
N VAL A 41 10.75 -21.58 29.26
CA VAL A 41 11.12 -20.38 28.50
C VAL A 41 12.63 -20.38 28.19
N TYR A 42 13.45 -21.00 29.03
CA TYR A 42 14.87 -21.19 28.72
C TYR A 42 15.13 -22.01 27.45
N ASP A 43 14.17 -22.86 27.07
CA ASP A 43 14.26 -23.65 25.83
C ASP A 43 13.72 -22.93 24.55
N MET A 44 13.31 -21.66 24.69
CA MET A 44 12.87 -20.83 23.55
C MET A 44 13.90 -20.73 22.43
N ALA A 45 15.19 -20.84 22.77
CA ALA A 45 16.30 -20.82 21.81
C ALA A 45 16.02 -21.61 20.52
N LYS A 46 15.56 -22.84 20.66
CA LYS A 46 15.31 -23.71 19.51
C LYS A 46 14.19 -23.17 18.60
N THR A 47 13.20 -22.52 19.20
CA THR A 47 12.09 -21.93 18.45
C THR A 47 12.50 -20.67 17.69
N ILE A 48 13.28 -19.80 18.35
CA ILE A 48 13.80 -18.57 17.72
C ILE A 48 14.71 -18.88 16.50
N SER A 49 15.44 -19.99 16.57
CA SER A 49 16.21 -20.47 15.42
C SER A 49 15.32 -20.84 14.22
N SER A 50 14.18 -21.50 14.50
CA SER A 50 13.20 -21.81 13.45
C SER A 50 12.51 -20.55 12.92
N LEU A 51 12.24 -19.60 13.81
CA LEU A 51 11.80 -18.26 13.41
C LEU A 51 12.82 -17.59 12.49
N ASN A 52 14.11 -17.77 12.80
CA ASN A 52 15.19 -17.26 11.95
C ASN A 52 15.26 -17.93 10.56
N ARG A 53 14.85 -19.19 10.46
CA ARG A 53 14.74 -19.86 9.16
C ARG A 53 13.64 -19.21 8.36
N VAL A 54 12.45 -19.19 8.93
CA VAL A 54 11.24 -18.70 8.26
C VAL A 54 11.34 -17.22 7.91
N CYS A 55 12.05 -16.45 8.74
CA CYS A 55 12.31 -15.03 8.46
C CYS A 55 13.21 -14.82 7.23
N ALA A 56 14.11 -15.78 6.96
CA ALA A 56 14.99 -15.76 5.77
C ALA A 56 14.42 -16.53 4.57
N GLU A 57 13.67 -17.61 4.85
CA GLU A 57 12.96 -18.40 3.82
C GLU A 57 11.93 -17.56 3.08
N MET A 58 11.21 -16.70 3.81
CA MET A 58 10.24 -15.76 3.22
C MET A 58 10.88 -14.69 2.36
N VAL A 59 12.02 -14.16 2.81
CA VAL A 59 12.75 -13.14 2.06
C VAL A 59 13.31 -13.76 0.77
N ALA A 60 13.81 -14.99 0.87
CA ALA A 60 14.32 -15.72 -0.30
C ALA A 60 13.31 -15.87 -1.45
N LYS A 61 12.00 -15.82 -1.13
CA LYS A 61 10.93 -15.84 -2.15
C LYS A 61 10.99 -14.65 -3.12
N TYR A 62 11.56 -13.53 -2.66
CA TYR A 62 11.73 -12.33 -3.50
C TYR A 62 13.05 -12.32 -4.32
N ASP A 63 13.75 -13.45 -4.41
CA ASP A 63 15.03 -13.53 -5.17
C ASP A 63 14.95 -13.05 -6.62
N LEU A 64 13.97 -13.53 -7.38
CA LEU A 64 13.83 -13.16 -8.79
C LEU A 64 13.34 -11.73 -8.99
N LEU A 65 12.40 -11.30 -8.16
CA LEU A 65 11.93 -9.90 -8.17
C LEU A 65 13.04 -8.89 -7.90
N LEU A 66 13.93 -9.22 -6.96
CA LEU A 66 15.07 -8.36 -6.61
C LEU A 66 16.14 -8.34 -7.71
N GLU A 67 16.33 -9.46 -8.39
CA GLU A 67 17.22 -9.53 -9.55
C GLU A 67 16.78 -8.53 -10.64
N HIS A 68 15.47 -8.46 -10.89
CA HIS A 68 14.90 -7.48 -11.82
C HIS A 68 15.13 -6.04 -11.37
N HIS A 69 15.02 -5.79 -10.06
CA HIS A 69 15.29 -4.47 -9.51
C HIS A 69 16.70 -3.96 -9.84
N HIS A 70 17.70 -4.82 -9.65
CA HIS A 70 19.11 -4.45 -9.90
C HIS A 70 19.36 -3.88 -11.31
N HIS A 71 18.76 -4.50 -12.33
CA HIS A 71 18.92 -4.07 -13.72
C HIS A 71 18.09 -2.82 -14.04
N HIS A 72 16.83 -2.83 -13.60
CA HIS A 72 15.88 -1.74 -13.87
C HIS A 72 15.62 -0.90 -12.61
N HIS A 73 16.50 0.07 -12.35
CA HIS A 73 16.30 1.03 -11.25
C HIS A 73 16.98 2.38 -11.51
N MET B 1 -4.43 -24.92 82.22
CA MET B 1 -2.94 -25.02 82.02
C MET B 1 -2.17 -24.58 83.26
N SER B 2 -1.10 -25.29 83.59
CA SER B 2 -0.22 -24.94 84.72
C SER B 2 0.79 -23.87 84.30
N PHE B 3 1.63 -23.45 85.25
CA PHE B 3 2.65 -22.44 84.99
C PHE B 3 3.84 -23.01 84.19
N GLU B 4 4.26 -24.23 84.53
CA GLU B 4 5.27 -24.95 83.73
C GLU B 4 4.77 -25.30 82.33
N GLU B 5 3.44 -25.43 82.18
CA GLU B 5 2.79 -25.69 80.88
C GLU B 5 2.72 -24.45 79.97
N VAL B 6 2.68 -23.25 80.57
CA VAL B 6 2.77 -21.99 79.81
C VAL B 6 4.17 -21.86 79.20
N VAL B 7 5.20 -21.96 80.05
CA VAL B 7 6.60 -21.86 79.58
C VAL B 7 7.06 -23.04 78.70
N GLN B 8 6.30 -24.13 78.66
CA GLN B 8 6.45 -25.17 77.63
C GLN B 8 5.92 -24.63 76.30
N THR B 9 4.66 -24.21 76.30
CA THR B 9 4.00 -23.66 75.12
C THR B 9 4.69 -22.40 74.59
N LEU B 10 5.31 -21.62 75.48
CA LEU B 10 6.02 -20.39 75.11
C LEU B 10 7.44 -20.65 74.60
N ALA B 11 8.12 -21.65 75.18
CA ALA B 11 9.43 -22.10 74.67
C ALA B 11 9.28 -22.86 73.34
N SER B 12 8.13 -23.53 73.15
CA SER B 12 7.81 -24.23 71.90
C SER B 12 7.44 -23.26 70.78
N LEU B 13 6.67 -22.22 71.10
CA LEU B 13 6.40 -21.13 70.15
C LEU B 13 7.63 -20.26 69.86
N ALA B 14 8.57 -20.19 70.81
CA ALA B 14 9.83 -19.48 70.58
C ALA B 14 10.68 -20.14 69.49
N THR B 15 10.74 -21.48 69.51
CA THR B 15 11.57 -22.25 68.57
C THR B 15 10.99 -22.38 67.15
N VAL B 16 9.67 -22.28 66.99
CA VAL B 16 9.03 -22.32 65.66
C VAL B 16 9.09 -20.96 64.96
N VAL B 17 9.00 -19.88 65.73
CA VAL B 17 9.08 -18.51 65.20
C VAL B 17 10.48 -18.21 64.64
N GLN B 18 11.53 -18.69 65.33
CA GLN B 18 12.90 -18.54 64.82
C GLN B 18 13.16 -19.36 63.55
N GLN B 19 12.47 -20.50 63.42
CA GLN B 19 12.49 -21.27 62.16
C GLN B 19 11.62 -20.64 61.07
N GLN B 20 10.56 -19.94 61.47
CA GLN B 20 9.74 -19.14 60.54
C GLN B 20 10.52 -17.94 59.97
N THR B 21 11.49 -17.42 60.73
CA THR B 21 12.41 -16.39 60.23
C THR B 21 13.37 -16.94 59.16
N ILE B 22 13.87 -18.16 59.35
CA ILE B 22 14.77 -18.80 58.38
C ILE B 22 14.04 -19.05 57.05
N ALA B 23 12.75 -19.41 57.12
CA ALA B 23 11.93 -19.60 55.93
C ALA B 23 11.67 -18.28 55.19
N SER B 24 11.11 -17.28 55.89
CA SER B 24 10.80 -15.96 55.29
C SER B 24 12.01 -15.27 54.67
N GLU B 25 13.18 -15.42 55.30
CA GLU B 25 14.43 -14.87 54.77
C GLU B 25 14.95 -15.70 53.57
N SER B 26 14.70 -17.01 53.57
CA SER B 26 15.03 -17.87 52.42
C SER B 26 14.09 -17.66 51.23
N LEU B 27 12.80 -17.49 51.51
CA LEU B 27 11.79 -17.22 50.48
C LEU B 27 11.99 -15.88 49.78
N GLU B 28 12.38 -14.86 50.54
CA GLU B 28 12.67 -13.53 49.98
C GLU B 28 13.80 -13.57 48.93
N GLN B 29 14.78 -14.45 49.12
CA GLN B 29 15.86 -14.65 48.13
C GLN B 29 15.33 -15.24 46.81
N ARG B 30 14.47 -16.24 46.91
CA ARG B 30 13.84 -16.86 45.73
C ARG B 30 12.79 -15.98 45.04
N ILE B 31 12.26 -15.00 45.76
CA ILE B 31 11.39 -13.97 45.15
C ILE B 31 12.24 -12.96 44.39
N THR B 32 13.28 -12.42 45.04
CA THR B 32 14.19 -11.46 44.40
C THR B 32 14.87 -12.04 43.16
N SER B 33 15.08 -13.36 43.15
CA SER B 33 15.53 -14.09 41.97
C SER B 33 14.48 -14.05 40.85
N LEU B 34 13.23 -14.33 41.20
CA LEU B 34 12.09 -14.24 40.25
C LEU B 34 11.81 -12.80 39.78
N GLU B 35 12.09 -11.81 40.61
CA GLU B 35 11.92 -10.40 40.24
C GLU B 35 12.80 -9.99 39.06
N ASN B 36 14.05 -10.42 39.09
CA ASN B 36 14.97 -10.18 37.96
C ASN B 36 14.67 -11.16 36.83
N GLY B 37 14.50 -12.44 37.18
CA GLY B 37 14.25 -13.51 36.21
C GLY B 37 13.05 -13.33 35.30
N LEU B 38 11.93 -12.89 35.86
CA LEU B 38 10.69 -12.74 35.08
C LEU B 38 10.65 -11.50 34.19
N LYS B 39 11.57 -10.57 34.37
CA LYS B 39 11.64 -9.37 33.51
C LYS B 39 11.81 -9.72 32.01
N PRO B 40 12.89 -10.43 31.63
CA PRO B 40 13.05 -10.84 30.23
C PRO B 40 12.03 -11.87 29.73
N VAL B 41 11.39 -12.60 30.65
CA VAL B 41 10.36 -13.56 30.30
C VAL B 41 9.07 -12.83 29.91
N TYR B 42 8.66 -11.87 30.73
CA TYR B 42 7.50 -11.02 30.41
C TYR B 42 7.78 -10.05 29.25
N ASP B 43 9.04 -9.67 29.07
CA ASP B 43 9.43 -8.79 27.96
C ASP B 43 9.39 -9.53 26.62
N MET B 44 9.79 -10.80 26.61
CA MET B 44 9.61 -11.66 25.43
C MET B 44 8.14 -11.88 25.07
N ALA B 45 7.26 -11.87 26.08
CA ALA B 45 5.82 -11.98 25.84
C ALA B 45 5.28 -10.85 24.97
N LYS B 46 5.73 -9.62 25.22
CA LYS B 46 5.35 -8.46 24.41
C LYS B 46 5.80 -8.58 22.96
N THR B 47 6.97 -9.20 22.74
CA THR B 47 7.47 -9.45 21.38
C THR B 47 6.70 -10.56 20.66
N ILE B 48 6.29 -11.60 21.39
CA ILE B 48 5.52 -12.70 20.81
C ILE B 48 4.08 -12.25 20.46
N SER B 49 3.60 -11.20 21.13
CA SER B 49 2.38 -10.51 20.71
C SER B 49 2.57 -9.90 19.32
N SER B 50 3.69 -9.21 19.13
CA SER B 50 4.05 -8.67 17.81
C SER B 50 4.16 -9.77 16.77
N LEU B 51 4.78 -10.89 17.13
CA LEU B 51 4.94 -11.99 16.18
C LEU B 51 3.59 -12.56 15.73
N ASN B 52 2.69 -12.82 16.67
CA ASN B 52 1.36 -13.34 16.31
C ASN B 52 0.47 -12.29 15.60
N ARG B 53 0.74 -11.00 15.79
CA ARG B 53 0.12 -9.96 14.97
C ARG B 53 0.65 -10.03 13.53
N VAL B 54 1.97 -10.06 13.39
CA VAL B 54 2.64 -10.05 12.08
C VAL B 54 2.32 -11.28 11.22
N CYS B 55 2.23 -12.46 11.84
CA CYS B 55 1.87 -13.68 11.11
C CYS B 55 0.43 -13.64 10.57
N ALA B 56 -0.51 -13.16 11.39
CA ALA B 56 -1.89 -12.97 10.96
C ALA B 56 -1.99 -11.94 9.81
N GLU B 57 -1.17 -10.90 9.89
CA GLU B 57 -1.07 -9.88 8.84
C GLU B 57 -0.55 -10.47 7.52
N MET B 58 0.36 -11.44 7.62
CA MET B 58 0.84 -12.20 6.46
C MET B 58 -0.27 -13.04 5.84
N VAL B 59 -0.98 -13.78 6.69
CA VAL B 59 -2.09 -14.65 6.24
C VAL B 59 -3.16 -13.84 5.48
N ALA B 60 -3.49 -12.66 5.99
CA ALA B 60 -4.48 -11.78 5.35
C ALA B 60 -3.99 -11.30 3.99
N LYS B 61 -2.80 -10.74 3.97
CA LYS B 61 -2.21 -10.20 2.74
C LYS B 61 -1.83 -11.28 1.72
N TYR B 62 -1.55 -12.49 2.19
CA TYR B 62 -1.39 -13.64 1.31
C TYR B 62 -2.72 -14.09 0.69
N ASP B 63 -3.81 -13.93 1.44
CA ASP B 63 -5.15 -14.24 0.93
C ASP B 63 -5.52 -13.37 -0.27
N LEU B 64 -5.03 -12.13 -0.31
CA LEU B 64 -5.19 -11.28 -1.49
C LEU B 64 -4.50 -11.85 -2.73
N LEU B 65 -3.29 -12.38 -2.56
CA LEU B 65 -2.57 -13.01 -3.66
C LEU B 65 -3.26 -14.31 -4.12
N LEU B 66 -3.95 -15.00 -3.21
CA LEU B 66 -4.74 -16.17 -3.58
C LEU B 66 -5.99 -15.79 -4.38
N GLU B 67 -6.71 -14.77 -3.94
CA GLU B 67 -7.89 -14.27 -4.68
C GLU B 67 -7.53 -13.49 -5.96
N HIS B 68 -6.25 -13.14 -6.12
CA HIS B 68 -5.73 -12.72 -7.43
C HIS B 68 -5.63 -13.93 -8.36
N HIS B 69 -4.97 -14.98 -7.89
CA HIS B 69 -4.80 -16.23 -8.66
C HIS B 69 -6.14 -16.87 -9.08
N HIS B 70 -7.18 -16.67 -8.26
CA HIS B 70 -8.54 -17.13 -8.58
C HIS B 70 -9.11 -16.37 -9.78
N HIS B 71 -8.97 -15.04 -9.75
CA HIS B 71 -9.49 -14.17 -10.80
C HIS B 71 -8.52 -13.87 -11.97
N HIS B 72 -7.30 -14.40 -11.92
CA HIS B 72 -6.31 -14.27 -13.02
C HIS B 72 -5.64 -15.58 -13.51
N HIS B 73 -5.90 -16.72 -12.86
CA HIS B 73 -5.39 -18.03 -13.31
C HIS B 73 -6.45 -19.12 -13.10
N MET C 1 12.11 -19.01 85.29
CA MET C 1 11.40 -17.75 84.93
C MET C 1 10.18 -17.52 85.83
N SER C 2 10.11 -16.34 86.44
CA SER C 2 8.98 -15.95 87.30
C SER C 2 7.80 -15.45 86.46
N PHE C 3 6.67 -15.18 87.12
CA PHE C 3 5.43 -14.71 86.45
C PHE C 3 5.59 -13.35 85.74
N GLU C 4 6.54 -12.53 86.21
CA GLU C 4 6.91 -11.29 85.52
C GLU C 4 7.60 -11.55 84.18
N GLU C 5 8.48 -12.55 84.15
CA GLU C 5 9.18 -12.95 82.91
C GLU C 5 8.28 -13.55 81.83
N VAL C 6 7.21 -14.24 82.24
CA VAL C 6 6.22 -14.81 81.30
C VAL C 6 5.41 -13.70 80.62
N VAL C 7 4.96 -12.72 81.40
CA VAL C 7 4.26 -11.54 80.87
C VAL C 7 5.17 -10.76 79.90
N GLN C 8 6.47 -10.67 80.24
CA GLN C 8 7.47 -10.06 79.35
C GLN C 8 7.75 -10.89 78.08
N THR C 9 7.98 -12.19 78.26
CA THR C 9 8.32 -13.09 77.15
C THR C 9 7.12 -13.37 76.23
N LEU C 10 5.92 -13.41 76.79
CA LEU C 10 4.68 -13.52 75.99
C LEU C 10 4.44 -12.28 75.14
N ALA C 11 4.81 -11.12 75.66
CA ALA C 11 4.79 -9.87 74.87
C ALA C 11 5.98 -9.78 73.90
N SER C 12 7.15 -10.29 74.32
CA SER C 12 8.36 -10.31 73.48
C SER C 12 8.19 -11.11 72.17
N LEU C 13 7.46 -12.22 72.23
CA LEU C 13 7.10 -12.98 71.01
C LEU C 13 6.04 -12.25 70.19
N ALA C 14 5.03 -11.68 70.85
CA ALA C 14 3.96 -10.94 70.17
C ALA C 14 4.47 -9.83 69.24
N THR C 15 5.63 -9.26 69.58
CA THR C 15 6.35 -8.34 68.68
C THR C 15 6.85 -9.04 67.41
N VAL C 16 7.50 -10.19 67.59
CA VAL C 16 8.11 -10.94 66.46
C VAL C 16 7.03 -11.60 65.58
N VAL C 17 5.87 -11.91 66.17
CA VAL C 17 4.71 -12.40 65.40
C VAL C 17 4.13 -11.26 64.56
N GLN C 18 4.03 -10.07 65.16
CA GLN C 18 3.63 -8.84 64.45
C GLN C 18 4.62 -8.51 63.33
N GLN C 19 5.91 -8.72 63.61
CA GLN C 19 6.99 -8.47 62.65
C GLN C 19 6.88 -9.38 61.42
N GLN C 20 6.81 -10.68 61.65
CA GLN C 20 6.69 -11.66 60.57
C GLN C 20 5.29 -11.72 59.93
N THR C 21 4.29 -11.12 60.57
CA THR C 21 2.99 -10.88 59.93
C THR C 21 3.16 -9.86 58.80
N ILE C 22 3.95 -8.82 59.04
CA ILE C 22 4.22 -7.77 58.05
C ILE C 22 5.18 -8.24 56.95
N ALA C 23 6.20 -9.00 57.35
CA ALA C 23 7.15 -9.61 56.40
C ALA C 23 6.46 -10.59 55.44
N SER C 24 5.51 -11.37 55.95
CA SER C 24 4.67 -12.25 55.12
C SER C 24 3.83 -11.46 54.12
N GLU C 25 3.25 -10.35 54.59
CA GLU C 25 2.44 -9.46 53.76
C GLU C 25 3.29 -8.61 52.80
N SER C 26 4.56 -8.43 53.12
CA SER C 26 5.53 -7.82 52.20
C SER C 26 5.75 -8.74 51.01
N LEU C 27 6.14 -9.98 51.28
CA LEU C 27 6.38 -11.00 50.25
C LEU C 27 5.12 -11.35 49.45
N GLU C 28 3.96 -11.23 50.10
CA GLU C 28 2.66 -11.35 49.43
C GLU C 28 2.52 -10.33 48.29
N GLN C 29 2.76 -9.06 48.61
CA GLN C 29 2.66 -7.97 47.63
C GLN C 29 3.64 -8.15 46.46
N ARG C 30 4.85 -8.61 46.76
CA ARG C 30 5.89 -8.81 45.74
C ARG C 30 5.51 -9.94 44.79
N ILE C 31 4.99 -11.04 45.32
CA ILE C 31 4.52 -12.16 44.50
C ILE C 31 3.27 -11.78 43.70
N THR C 32 2.28 -11.19 44.37
CA THR C 32 1.01 -10.80 43.74
C THR C 32 1.24 -9.82 42.58
N SER C 33 2.23 -8.95 42.73
CA SER C 33 2.62 -8.04 41.65
C SER C 33 3.28 -8.79 40.50
N LEU C 34 4.17 -9.74 40.80
CA LEU C 34 4.78 -10.59 39.76
C LEU C 34 3.74 -11.38 38.97
N GLU C 35 2.69 -11.82 39.66
CA GLU C 35 1.56 -12.50 39.01
C GLU C 35 0.75 -11.56 38.10
N ASN C 36 0.64 -10.28 38.47
CA ASN C 36 0.00 -9.27 37.61
C ASN C 36 0.73 -9.00 36.29
N GLY C 37 2.02 -9.34 36.22
CA GLY C 37 2.76 -9.31 34.95
C GLY C 37 2.32 -10.30 33.88
N LEU C 38 1.40 -11.22 34.23
CA LEU C 38 0.81 -12.16 33.28
C LEU C 38 -0.42 -11.60 32.52
N LYS C 39 -0.67 -10.29 32.61
CA LYS C 39 -1.77 -9.64 31.88
C LYS C 39 -1.58 -9.74 30.35
N PRO C 40 -0.36 -9.43 29.83
CA PRO C 40 -0.12 -9.65 28.40
C PRO C 40 -0.06 -11.13 27.97
N VAL C 41 0.37 -12.02 28.87
CA VAL C 41 0.53 -13.45 28.55
C VAL C 41 -0.83 -14.13 28.32
N TYR C 42 -1.85 -13.77 29.10
CA TYR C 42 -3.21 -14.30 28.87
C TYR C 42 -3.85 -13.67 27.63
N ASP C 43 -3.59 -12.38 27.39
CA ASP C 43 -4.03 -11.70 26.16
C ASP C 43 -3.38 -12.30 24.91
N MET C 44 -2.09 -12.63 25.01
CA MET C 44 -1.32 -13.24 23.93
C MET C 44 -1.74 -14.68 23.64
N ALA C 45 -1.89 -15.49 24.67
CA ALA C 45 -2.12 -16.93 24.51
C ALA C 45 -3.46 -17.30 23.87
N LYS C 46 -4.48 -16.46 24.05
CA LYS C 46 -5.83 -16.73 23.51
C LYS C 46 -5.90 -16.56 21.99
N THR C 47 -5.23 -15.54 21.45
CA THR C 47 -5.36 -15.15 20.04
C THR C 47 -4.85 -16.22 19.07
N ILE C 48 -3.83 -16.96 19.49
CA ILE C 48 -3.19 -17.98 18.64
C ILE C 48 -4.08 -19.20 18.31
N SER C 49 -5.13 -19.42 19.10
CA SER C 49 -6.17 -20.41 18.78
C SER C 49 -7.00 -19.97 17.57
N SER C 50 -7.32 -18.66 17.48
CA SER C 50 -8.01 -18.07 16.32
C SER C 50 -7.17 -18.08 15.03
N LEU C 51 -5.85 -18.19 15.16
CA LEU C 51 -4.90 -18.04 14.05
C LEU C 51 -4.28 -19.35 13.56
N ASN C 52 -4.80 -20.50 14.00
CA ASN C 52 -4.55 -21.81 13.34
C ASN C 52 -5.62 -22.09 12.28
N ARG C 53 -6.86 -21.73 12.62
CA ARG C 53 -8.00 -21.64 11.70
C ARG C 53 -7.64 -20.95 10.38
N VAL C 54 -7.13 -19.72 10.49
CA VAL C 54 -6.83 -18.90 9.29
C VAL C 54 -5.75 -19.50 8.39
N CYS C 55 -4.77 -20.20 8.98
CA CYS C 55 -3.70 -20.83 8.21
C CYS C 55 -4.12 -22.16 7.58
N ALA C 56 -4.98 -22.92 8.25
CA ALA C 56 -5.59 -24.11 7.65
C ALA C 56 -6.50 -23.72 6.49
N GLU C 57 -7.26 -22.65 6.69
CA GLU C 57 -8.10 -22.06 5.64
C GLU C 57 -7.26 -21.47 4.49
N MET C 58 -6.06 -20.99 4.80
CA MET C 58 -5.11 -20.53 3.79
C MET C 58 -4.50 -21.70 3.01
N VAL C 59 -3.96 -22.68 3.73
CA VAL C 59 -3.28 -23.83 3.10
C VAL C 59 -4.24 -24.69 2.27
N ALA C 60 -5.47 -24.85 2.75
CA ALA C 60 -6.51 -25.55 1.98
C ALA C 60 -6.87 -24.80 0.69
N LYS C 61 -6.88 -23.46 0.76
CA LYS C 61 -7.06 -22.58 -0.40
C LYS C 61 -5.91 -22.76 -1.41
N TYR C 62 -4.70 -22.88 -0.87
CA TYR C 62 -3.49 -23.13 -1.66
C TYR C 62 -3.50 -24.50 -2.36
N ASP C 63 -3.99 -25.53 -1.65
CA ASP C 63 -4.10 -26.89 -2.20
C ASP C 63 -5.13 -27.00 -3.33
N LEU C 64 -6.24 -26.27 -3.21
CA LEU C 64 -7.27 -26.24 -4.25
C LEU C 64 -6.86 -25.42 -5.48
N LEU C 65 -6.17 -24.30 -5.26
CA LEU C 65 -5.70 -23.46 -6.39
C LEU C 65 -4.49 -24.01 -7.14
N LEU C 66 -3.81 -25.02 -6.58
CA LEU C 66 -2.83 -25.85 -7.33
C LEU C 66 -3.50 -27.05 -8.01
N GLU C 67 -4.62 -27.52 -7.47
CA GLU C 67 -5.42 -28.59 -8.08
C GLU C 67 -6.17 -28.12 -9.34
N HIS C 68 -6.78 -26.93 -9.26
CA HIS C 68 -7.49 -26.33 -10.40
C HIS C 68 -6.54 -25.84 -11.50
N HIS C 69 -5.33 -25.43 -11.13
CA HIS C 69 -4.28 -25.07 -12.09
C HIS C 69 -3.61 -26.32 -12.69
N HIS C 70 -3.35 -27.32 -11.86
CA HIS C 70 -2.77 -28.61 -12.28
C HIS C 70 -3.81 -29.73 -12.18
N MET D 1 -6.25 1.43 -55.94
CA MET D 1 -5.08 2.09 -55.29
C MET D 1 -4.51 3.21 -56.16
N SER D 2 -5.18 4.37 -56.12
CA SER D 2 -4.78 5.54 -56.89
C SER D 2 -3.64 6.28 -56.20
N PHE D 3 -3.17 7.35 -56.84
CA PHE D 3 -2.22 8.28 -56.20
C PHE D 3 -2.92 9.11 -55.13
N GLU D 4 -4.21 9.37 -55.33
CA GLU D 4 -5.04 10.06 -54.33
C GLU D 4 -5.24 9.21 -53.07
N GLU D 5 -5.54 7.93 -53.26
CA GLU D 5 -5.79 6.99 -52.16
C GLU D 5 -4.57 6.73 -51.28
N VAL D 6 -3.39 6.64 -51.89
CA VAL D 6 -2.14 6.36 -51.16
C VAL D 6 -1.73 7.52 -50.23
N VAL D 7 -1.93 8.77 -50.67
CA VAL D 7 -1.55 9.95 -49.84
C VAL D 7 -2.49 10.09 -48.63
N GLN D 8 -3.76 9.68 -48.78
CA GLN D 8 -4.68 9.52 -47.65
C GLN D 8 -4.20 8.45 -46.68
N THR D 9 -3.85 7.28 -47.22
CA THR D 9 -3.45 6.12 -46.40
C THR D 9 -2.17 6.36 -45.58
N LEU D 10 -1.21 7.12 -46.12
CA LEU D 10 -0.03 7.51 -45.34
C LEU D 10 -0.34 8.55 -44.27
N ALA D 11 -1.29 9.46 -44.54
CA ALA D 11 -1.71 10.47 -43.55
C ALA D 11 -2.42 9.84 -42.35
N SER D 12 -3.34 8.91 -42.62
CA SER D 12 -4.01 8.15 -41.57
C SER D 12 -3.03 7.30 -40.78
N LEU D 13 -2.24 6.50 -41.49
CA LEU D 13 -1.25 5.60 -40.86
C LEU D 13 -0.22 6.37 -40.02
N ALA D 14 0.12 7.59 -40.42
CA ALA D 14 1.01 8.45 -39.65
C ALA D 14 0.39 8.79 -38.29
N THR D 15 -0.88 9.23 -38.32
CA THR D 15 -1.63 9.53 -37.10
C THR D 15 -1.65 8.33 -36.16
N VAL D 16 -2.01 7.16 -36.70
CA VAL D 16 -2.11 5.92 -35.92
C VAL D 16 -0.81 5.62 -35.17
N VAL D 17 0.33 5.78 -35.85
CA VAL D 17 1.63 5.51 -35.25
C VAL D 17 1.94 6.49 -34.10
N GLN D 18 1.59 7.78 -34.27
CA GLN D 18 1.69 8.76 -33.18
C GLN D 18 0.85 8.33 -31.98
N GLN D 19 -0.36 7.84 -32.26
CA GLN D 19 -1.27 7.39 -31.23
C GLN D 19 -0.74 6.13 -30.54
N GLN D 20 -0.14 5.23 -31.31
CA GLN D 20 0.51 4.04 -30.75
C GLN D 20 1.75 4.36 -29.91
N THR D 21 2.43 5.46 -30.22
CA THR D 21 3.58 5.92 -29.43
C THR D 21 3.13 6.48 -28.07
N ILE D 22 2.01 7.21 -28.05
CA ILE D 22 1.41 7.67 -26.80
C ILE D 22 1.03 6.48 -25.94
N ALA D 23 0.25 5.57 -26.52
CA ALA D 23 -0.20 4.36 -25.83
C ALA D 23 0.95 3.61 -25.20
N SER D 24 1.98 3.38 -26.01
CA SER D 24 3.23 2.75 -25.55
C SER D 24 3.83 3.50 -24.36
N GLU D 25 4.04 4.80 -24.52
CA GLU D 25 4.71 5.60 -23.48
C GLU D 25 3.93 5.71 -22.17
N SER D 26 2.64 5.37 -22.16
CA SER D 26 1.92 5.13 -20.91
C SER D 26 2.30 3.78 -20.32
N LEU D 27 2.31 2.74 -21.15
CA LEU D 27 2.69 1.39 -20.71
C LEU D 27 4.12 1.35 -20.16
N GLU D 28 5.01 2.15 -20.74
CA GLU D 28 6.36 2.38 -20.20
C GLU D 28 6.31 2.91 -18.75
N GLN D 29 5.49 3.93 -18.51
CA GLN D 29 5.34 4.50 -17.17
C GLN D 29 4.70 3.52 -16.20
N ARG D 30 3.70 2.76 -16.67
CA ARG D 30 3.05 1.76 -15.83
C ARG D 30 4.00 0.70 -15.27
N ILE D 31 4.98 0.26 -16.08
CA ILE D 31 5.99 -0.70 -15.62
C ILE D 31 6.93 -0.04 -14.62
N THR D 32 7.48 1.12 -14.99
CA THR D 32 8.39 1.87 -14.12
C THR D 32 7.82 2.06 -12.69
N SER D 33 6.52 2.39 -12.59
CA SER D 33 5.84 2.44 -11.29
C SER D 33 5.98 1.14 -10.52
N LEU D 34 5.74 0.03 -11.20
CA LEU D 34 5.90 -1.30 -10.59
C LEU D 34 7.36 -1.58 -10.24
N GLU D 35 8.27 -1.22 -11.14
CA GLU D 35 9.70 -1.34 -10.87
C GLU D 35 10.13 -0.48 -9.66
N ASN D 36 9.51 0.68 -9.50
CA ASN D 36 9.79 1.56 -8.35
C ASN D 36 9.20 1.01 -7.05
N GLY D 37 8.15 0.20 -7.14
CA GLY D 37 7.62 -0.54 -6.00
C GLY D 37 8.61 -1.53 -5.39
N LEU D 38 9.46 -2.11 -6.24
CA LEU D 38 10.49 -3.06 -5.80
C LEU D 38 11.54 -2.41 -4.92
N LYS D 39 11.84 -1.14 -5.17
CA LYS D 39 12.90 -0.41 -4.45
C LYS D 39 12.76 -0.44 -2.91
N PRO D 40 11.52 -0.29 -2.37
CA PRO D 40 11.26 -0.60 -0.96
C PRO D 40 11.63 -2.01 -0.51
N VAL D 41 11.41 -3.01 -1.37
CA VAL D 41 11.72 -4.41 -1.05
C VAL D 41 13.23 -4.67 -1.05
N TYR D 42 13.96 -3.98 -1.92
CA TYR D 42 15.44 -4.03 -1.91
C TYR D 42 16.01 -3.55 -0.57
N ASP D 43 15.35 -2.60 0.09
CA ASP D 43 15.76 -2.13 1.43
C ASP D 43 15.62 -3.22 2.49
N MET D 44 14.53 -3.98 2.42
CA MET D 44 14.29 -5.10 3.34
C MET D 44 15.37 -6.17 3.21
N ALA D 45 15.57 -6.66 1.99
CA ALA D 45 16.52 -7.77 1.72
C ALA D 45 18.01 -7.39 1.81
N LYS D 46 18.29 -6.08 1.85
CA LYS D 46 19.65 -5.55 2.06
C LYS D 46 20.30 -6.03 3.38
N THR D 47 19.48 -6.17 4.43
CA THR D 47 19.97 -6.60 5.76
C THR D 47 20.43 -8.08 5.83
N ILE D 48 20.08 -8.88 4.82
CA ILE D 48 20.43 -10.31 4.79
C ILE D 48 21.95 -10.55 4.84
N SER D 50 25.12 -13.28 8.22
CA SER D 50 25.08 -12.16 9.15
C SER D 50 24.01 -12.39 10.22
N LEU D 51 22.78 -12.67 9.78
CA LEU D 51 21.67 -13.01 10.69
C LEU D 51 21.81 -14.41 11.28
N ASN D 52 22.24 -15.35 10.44
CA ASN D 52 22.52 -16.74 10.84
C ASN D 52 23.61 -16.87 11.91
N ARG D 53 24.57 -15.94 11.93
CA ARG D 53 25.71 -15.97 12.87
C ARG D 53 25.28 -15.62 14.29
N VAL D 54 24.58 -14.49 14.46
CA VAL D 54 24.01 -14.09 15.76
C VAL D 54 22.82 -14.95 16.21
N CYS D 55 22.25 -15.72 15.29
CA CYS D 55 21.29 -16.79 15.62
C CYS D 55 22.00 -18.03 16.14
N ALA D 56 23.11 -18.41 15.49
CA ALA D 56 23.90 -19.59 15.91
C ALA D 56 24.62 -19.37 17.24
N GLU D 57 25.06 -18.14 17.48
CA GLU D 57 25.64 -17.74 18.77
C GLU D 57 24.68 -17.98 19.93
N MET D 58 23.44 -17.53 19.75
CA MET D 58 22.35 -17.79 20.69
C MET D 58 22.21 -19.28 21.00
N VAL D 59 22.23 -20.12 19.97
CA VAL D 59 22.02 -21.57 20.12
C VAL D 59 23.15 -22.24 20.92
N ALA D 60 24.39 -21.87 20.62
CA ALA D 60 25.56 -22.41 21.32
C ALA D 60 25.58 -21.96 22.79
N LYS D 61 25.35 -20.68 23.01
CA LYS D 61 25.22 -20.11 24.35
C LYS D 61 24.12 -20.81 25.16
N TYR D 62 23.03 -21.19 24.49
CA TYR D 62 21.97 -22.03 25.09
C TYR D 62 22.45 -23.46 25.33
N ASP D 63 23.22 -24.02 24.39
CA ASP D 63 23.79 -25.37 24.54
C ASP D 63 24.86 -25.51 25.64
N LEU D 64 25.56 -24.44 25.97
CA LEU D 64 26.57 -24.46 27.05
C LEU D 64 26.03 -24.00 28.41
N LEU D 65 24.84 -23.41 28.45
CA LEU D 65 24.16 -23.03 29.69
C LEU D 65 23.06 -24.01 30.14
N LEU D 66 22.58 -24.85 29.24
CA LEU D 66 21.69 -25.97 29.60
C LEU D 66 22.38 -27.35 29.61
N GLU D 67 23.61 -27.43 29.07
CA GLU D 67 24.41 -28.67 29.16
C GLU D 67 24.94 -28.94 30.56
N HIS D 68 25.18 -27.89 31.35
CA HIS D 68 25.52 -28.01 32.79
C HIS D 68 24.37 -27.66 33.75
N HIS D 69 23.22 -27.26 33.19
CA HIS D 69 21.99 -27.06 33.96
C HIS D 69 20.77 -27.35 33.09
N MET E 1 1.07 15.58 -52.39
CA MET E 1 2.56 15.69 -52.46
C MET E 1 3.11 14.87 -53.63
N SER E 2 4.38 15.12 -53.96
CA SER E 2 5.04 14.42 -55.08
C SER E 2 5.37 12.98 -54.73
N PHE E 3 5.62 12.17 -55.77
CA PHE E 3 6.12 10.80 -55.62
C PHE E 3 7.51 10.78 -54.95
N GLU E 4 8.29 11.83 -55.17
CA GLU E 4 9.54 12.05 -54.43
C GLU E 4 9.28 12.24 -52.92
N GLU E 5 8.30 13.09 -52.60
CA GLU E 5 7.88 13.33 -51.20
C GLU E 5 7.18 12.14 -50.51
N VAL E 6 6.62 11.21 -51.29
CA VAL E 6 5.93 10.01 -50.74
C VAL E 6 6.91 8.99 -50.16
N VAL E 7 8.03 8.75 -50.84
CA VAL E 7 9.00 7.72 -50.41
C VAL E 7 9.73 8.10 -49.11
N GLN E 8 9.98 9.40 -48.90
CA GLN E 8 10.53 9.89 -47.62
C GLN E 8 9.52 9.74 -46.46
N THR E 9 8.24 9.97 -46.75
CA THR E 9 7.16 9.83 -45.78
C THR E 9 6.91 8.34 -45.48
N LEU E 10 6.98 7.51 -46.52
CA LEU E 10 6.88 6.06 -46.39
C LEU E 10 8.00 5.47 -45.53
N ALA E 11 9.24 5.89 -45.80
CA ALA E 11 10.41 5.40 -45.07
C ALA E 11 10.50 5.96 -43.64
N SER E 12 10.03 7.19 -43.43
CA SER E 12 10.05 7.80 -42.08
C SER E 12 9.06 7.14 -41.10
N LEU E 13 7.91 6.68 -41.61
CA LEU E 13 6.99 5.85 -40.82
C LEU E 13 7.62 4.51 -40.50
N ALA E 14 8.10 3.82 -41.54
CA ALA E 14 8.81 2.54 -41.39
C ALA E 14 9.99 2.58 -40.40
N THR E 15 10.70 3.71 -40.37
CA THR E 15 11.74 3.96 -39.38
C THR E 15 11.15 3.98 -37.97
N VAL E 16 10.10 4.76 -37.78
CA VAL E 16 9.42 4.89 -36.48
C VAL E 16 8.72 3.58 -36.10
N VAL E 17 8.10 2.91 -37.07
CA VAL E 17 7.43 1.62 -36.86
C VAL E 17 8.43 0.50 -36.51
N GLN E 18 9.64 0.56 -37.07
CA GLN E 18 10.73 -0.34 -36.66
C GLN E 18 11.07 -0.14 -35.18
N GLN E 19 11.30 1.12 -34.81
CA GLN E 19 11.62 1.49 -33.42
C GLN E 19 10.47 1.23 -32.43
N GLN E 20 9.23 1.18 -32.92
CA GLN E 20 8.08 0.79 -32.11
C GLN E 20 8.22 -0.65 -31.65
N THR E 21 8.60 -1.53 -32.57
CA THR E 21 8.77 -2.97 -32.25
C THR E 21 10.01 -3.25 -31.39
N ILE E 22 11.04 -2.41 -31.51
CA ILE E 22 12.21 -2.46 -30.63
C ILE E 22 11.73 -2.29 -29.18
N ALA E 23 11.03 -1.19 -28.94
CA ALA E 23 10.48 -0.88 -27.62
C ALA E 23 9.44 -1.92 -27.18
N SER E 24 8.52 -2.26 -28.08
CA SER E 24 7.45 -3.21 -27.80
C SER E 24 7.99 -4.57 -27.33
N GLU E 25 9.03 -5.08 -28.00
CA GLU E 25 9.69 -6.34 -27.61
C GLU E 25 10.53 -6.16 -26.34
N SER E 26 11.19 -5.01 -26.22
CA SER E 26 11.97 -4.65 -25.01
C SER E 26 11.10 -4.53 -23.76
N LEU E 27 9.91 -3.94 -23.93
CA LEU E 27 8.90 -3.84 -22.86
C LEU E 27 8.32 -5.21 -22.49
N GLU E 28 8.06 -6.04 -23.50
CA GLU E 28 7.54 -7.39 -23.29
C GLU E 28 8.45 -8.21 -22.37
N GLN E 29 9.75 -8.03 -22.50
CA GLN E 29 10.73 -8.71 -21.65
C GLN E 29 10.63 -8.31 -20.18
N ARG E 30 10.41 -7.01 -19.93
CA ARG E 30 10.17 -6.51 -18.57
C ARG E 30 8.86 -7.03 -17.98
N ILE E 31 7.82 -7.05 -18.79
CA ILE E 31 6.54 -7.60 -18.38
C ILE E 31 6.68 -9.11 -18.12
N THR E 32 7.46 -9.80 -18.96
CA THR E 32 7.73 -11.23 -18.75
C THR E 32 8.57 -11.48 -17.49
N SER E 33 9.50 -10.57 -17.19
CA SER E 33 10.36 -10.70 -16.00
C SER E 33 9.57 -10.59 -14.69
N LEU E 34 8.82 -9.50 -14.55
CA LEU E 34 7.97 -9.28 -13.37
C LEU E 34 6.91 -10.36 -13.21
N GLU E 35 6.42 -10.89 -14.33
CA GLU E 35 5.48 -12.00 -14.30
C GLU E 35 6.10 -13.27 -13.71
N ASN E 36 7.34 -13.58 -14.09
CA ASN E 36 8.04 -14.74 -13.55
C ASN E 36 8.52 -14.54 -12.12
N GLY E 37 8.97 -13.32 -11.80
CA GLY E 37 9.40 -12.97 -10.44
C GLY E 37 8.31 -13.07 -9.39
N LEU E 38 7.07 -12.84 -9.82
CA LEU E 38 5.90 -12.97 -8.96
C LEU E 38 5.53 -14.42 -8.63
N LYS E 39 5.98 -15.38 -9.45
CA LYS E 39 5.58 -16.78 -9.31
C LYS E 39 6.04 -17.43 -7.99
N PRO E 40 7.33 -17.25 -7.59
CA PRO E 40 7.79 -17.74 -6.28
C PRO E 40 6.95 -17.29 -5.06
N VAL E 41 6.43 -16.07 -5.11
CA VAL E 41 5.69 -15.48 -3.98
C VAL E 41 4.30 -16.15 -3.76
N TYR E 42 3.81 -16.89 -4.75
CA TYR E 42 2.67 -17.81 -4.57
C TYR E 42 3.00 -18.96 -3.60
N ASP E 43 4.23 -19.50 -3.70
CA ASP E 43 4.63 -20.66 -2.90
C ASP E 43 4.88 -20.40 -1.40
N MET E 44 4.62 -19.17 -0.94
CA MET E 44 4.86 -18.79 0.44
C MET E 44 3.81 -19.32 1.45
N ALA E 45 2.73 -19.92 0.98
CA ALA E 45 1.75 -20.60 1.87
C ALA E 45 2.40 -21.62 2.80
N LYS E 46 3.32 -22.41 2.25
CA LYS E 46 4.03 -23.43 3.02
C LYS E 46 5.01 -22.82 4.03
N THR E 47 5.54 -21.64 3.72
CA THR E 47 6.43 -20.93 4.64
C THR E 47 5.63 -20.25 5.76
N ILE E 48 4.52 -19.58 5.42
CA ILE E 48 3.66 -18.91 6.41
C ILE E 48 3.03 -19.91 7.40
N SER E 49 2.71 -21.10 6.88
CA SER E 49 2.42 -22.26 7.71
C SER E 49 3.49 -22.47 8.79
N SER E 50 4.76 -22.48 8.38
CA SER E 50 5.88 -22.64 9.32
C SER E 50 5.97 -21.51 10.34
N LEU E 51 5.69 -20.27 9.92
CA LEU E 51 5.65 -19.14 10.85
C LEU E 51 4.54 -19.31 11.87
N ASN E 52 3.39 -19.80 11.42
CA ASN E 52 2.28 -20.13 12.31
C ASN E 52 2.67 -21.23 13.32
N ARG E 53 3.31 -22.29 12.85
CA ARG E 53 3.80 -23.37 13.73
C ARG E 53 4.92 -22.90 14.67
N VAL E 54 5.71 -21.94 14.21
CA VAL E 54 6.74 -21.31 15.05
C VAL E 54 6.10 -20.50 16.17
N CYS E 55 5.12 -19.66 15.84
CA CYS E 55 4.34 -18.93 16.85
C CYS E 55 3.66 -19.87 17.86
N ALA E 56 3.06 -20.95 17.35
CA ALA E 56 2.38 -21.97 18.18
C ALA E 56 3.29 -22.57 19.25
N GLU E 57 4.53 -22.89 18.88
CA GLU E 57 5.52 -23.41 19.83
C GLU E 57 5.96 -22.38 20.86
N MET E 58 6.04 -21.11 20.46
CA MET E 58 6.43 -20.03 21.37
C MET E 58 5.43 -19.77 22.49
N VAL E 59 4.14 -19.86 22.17
CA VAL E 59 3.07 -19.73 23.17
C VAL E 59 3.07 -20.93 24.12
N ALA E 60 3.34 -22.13 23.58
CA ALA E 60 3.43 -23.36 24.38
C ALA E 60 4.49 -23.32 25.48
N LYS E 61 5.52 -22.47 25.31
CA LYS E 61 6.55 -22.27 26.34
C LYS E 61 6.01 -21.56 27.58
N TYR E 62 4.95 -20.77 27.41
CA TYR E 62 4.29 -20.09 28.53
C TYR E 62 3.04 -20.85 29.04
N ASP E 63 2.99 -22.17 28.88
CA ASP E 63 1.83 -22.96 29.34
C ASP E 63 1.77 -23.11 30.86
N LEU E 64 2.90 -23.40 31.49
CA LEU E 64 2.97 -23.51 32.95
C LEU E 64 2.65 -22.19 33.65
N LEU E 65 3.17 -21.08 33.11
CA LEU E 65 2.83 -19.74 33.62
C LEU E 65 1.38 -19.34 33.31
N LEU E 66 0.80 -19.94 32.27
CA LEU E 66 -0.64 -19.83 32.00
C LEU E 66 -1.45 -20.62 33.05
N GLU E 67 -0.96 -21.81 33.39
CA GLU E 67 -1.56 -22.62 34.47
C GLU E 67 -1.44 -21.98 35.87
N HIS E 68 -0.42 -21.14 36.07
CA HIS E 68 -0.28 -20.35 37.28
C HIS E 68 -1.29 -19.20 37.33
N HIS E 69 -1.55 -18.59 36.17
CA HIS E 69 -2.62 -17.59 36.00
C HIS E 69 -4.01 -18.22 36.22
N HIS E 70 -4.24 -19.38 35.59
CA HIS E 70 -5.51 -20.12 35.65
C HIS E 70 -6.00 -20.34 37.09
N HIS E 71 -5.17 -21.01 37.89
CA HIS E 71 -5.53 -21.40 39.26
C HIS E 71 -5.42 -20.28 40.31
N HIS E 72 -4.52 -19.32 40.09
CA HIS E 72 -4.40 -18.11 40.93
C HIS E 72 -4.92 -16.90 40.14
N HIS E 73 -6.22 -16.66 40.23
CA HIS E 73 -6.95 -15.61 39.49
C HIS E 73 -7.06 -15.91 37.99
N MET F 1 11.41 2.69 -56.38
CA MET F 1 11.21 3.60 -57.56
C MET F 1 9.83 3.47 -58.19
N SER F 2 9.32 2.24 -58.30
CA SER F 2 8.01 1.99 -58.91
C SER F 2 6.86 2.31 -57.96
N PHE F 3 5.66 2.45 -58.53
CA PHE F 3 4.45 2.73 -57.77
C PHE F 3 3.99 1.51 -56.98
N GLU F 4 4.06 0.31 -57.59
CA GLU F 4 3.69 -0.93 -56.89
C GLU F 4 4.64 -1.31 -55.74
N GLU F 5 5.88 -0.83 -55.80
CA GLU F 5 6.81 -0.93 -54.66
C GLU F 5 6.30 -0.12 -53.46
N VAL F 6 5.68 1.03 -53.71
CA VAL F 6 5.03 1.84 -52.65
C VAL F 6 3.69 1.21 -52.19
N VAL F 7 2.96 0.56 -53.10
CA VAL F 7 1.67 -0.11 -52.76
C VAL F 7 1.87 -1.33 -51.84
N GLN F 8 2.84 -2.17 -52.15
CA GLN F 8 3.13 -3.36 -51.33
C GLN F 8 3.83 -3.02 -50.01
N THR F 9 4.71 -2.02 -50.01
CA THR F 9 5.35 -1.52 -48.79
C THR F 9 4.31 -0.93 -47.83
N LEU F 10 3.39 -0.13 -48.39
CA LEU F 10 2.27 0.41 -47.62
C LEU F 10 1.32 -0.68 -47.13
N ALA F 11 1.12 -1.72 -47.94
CA ALA F 11 0.34 -2.90 -47.55
C ALA F 11 0.99 -3.68 -46.41
N SER F 12 2.32 -3.66 -46.33
CA SER F 12 3.06 -4.27 -45.23
C SER F 12 2.91 -3.46 -43.94
N LEU F 13 3.20 -2.16 -44.00
CA LEU F 13 3.11 -1.27 -42.83
C LEU F 13 1.71 -1.27 -42.21
N ALA F 14 0.68 -1.16 -43.04
CA ALA F 14 -0.71 -1.24 -42.59
C ALA F 14 -0.96 -2.50 -41.77
N THR F 15 -0.57 -3.65 -42.32
CA THR F 15 -0.74 -4.95 -41.65
C THR F 15 0.19 -5.13 -40.44
N VAL F 16 1.40 -4.55 -40.50
CA VAL F 16 2.35 -4.56 -39.38
C VAL F 16 1.80 -3.73 -38.20
N VAL F 17 1.32 -2.53 -38.50
CA VAL F 17 0.73 -1.65 -37.50
C VAL F 17 -0.53 -2.27 -36.87
N GLN F 18 -1.39 -2.87 -37.70
CA GLN F 18 -2.57 -3.61 -37.23
C GLN F 18 -2.23 -4.67 -36.18
N GLN F 19 -1.10 -5.33 -36.35
CA GLN F 19 -0.62 -6.33 -35.39
C GLN F 19 -0.04 -5.69 -34.12
N GLN F 20 0.68 -4.58 -34.26
CA GLN F 20 1.24 -3.88 -33.11
C GLN F 20 0.18 -3.27 -32.18
N THR F 21 -0.96 -2.85 -32.74
CA THR F 21 -2.12 -2.41 -31.93
C THR F 21 -2.68 -3.56 -31.11
N ILE F 22 -2.71 -4.76 -31.71
CA ILE F 22 -3.15 -5.98 -31.02
C ILE F 22 -2.11 -6.41 -29.98
N ALA F 23 -0.82 -6.25 -30.32
CA ALA F 23 0.27 -6.49 -29.36
C ALA F 23 0.29 -5.46 -28.24
N SER F 24 -0.04 -4.21 -28.58
CA SER F 24 -0.12 -3.14 -27.59
C SER F 24 -1.20 -3.47 -26.57
N GLU F 25 -2.38 -3.83 -27.07
CA GLU F 25 -3.52 -4.15 -26.20
C GLU F 25 -3.38 -5.50 -25.47
N SER F 26 -2.50 -6.37 -25.98
CA SER F 26 -2.09 -7.58 -25.23
C SER F 26 -1.20 -7.24 -24.03
N LEU F 27 -0.26 -6.31 -24.20
CA LEU F 27 0.61 -5.85 -23.11
C LEU F 27 -0.13 -5.06 -22.05
N GLU F 28 -1.09 -4.23 -22.46
CA GLU F 28 -1.97 -3.51 -21.52
C GLU F 28 -2.66 -4.47 -20.55
N GLN F 29 -3.17 -5.58 -21.07
CA GLN F 29 -3.76 -6.63 -20.23
C GLN F 29 -2.71 -7.25 -19.30
N ARG F 30 -1.56 -7.61 -19.87
CA ARG F 30 -0.46 -8.20 -19.09
C ARG F 30 0.12 -7.28 -18.00
N ILE F 31 0.05 -5.96 -18.21
CA ILE F 31 0.45 -4.99 -17.20
C ILE F 31 -0.65 -4.85 -16.15
N THR F 32 -1.89 -4.77 -16.60
CA THR F 32 -3.03 -4.68 -15.67
C THR F 32 -3.10 -5.91 -14.75
N SER F 33 -2.69 -7.07 -15.26
CA SER F 33 -2.53 -8.26 -14.42
C SER F 33 -1.43 -8.05 -13.36
N LEU F 34 -0.26 -7.57 -13.78
CA LEU F 34 0.85 -7.30 -12.86
C LEU F 34 0.43 -6.30 -11.77
N GLU F 35 -0.07 -5.16 -12.21
CA GLU F 35 -0.50 -4.08 -11.30
C GLU F 35 -1.46 -4.59 -10.25
N ASN F 36 -2.41 -5.41 -10.66
CA ASN F 36 -3.33 -6.07 -9.75
C ASN F 36 -2.59 -7.07 -8.87
N GLY F 37 -1.80 -7.95 -9.48
CA GLY F 37 -1.13 -9.05 -8.80
C GLY F 37 0.05 -8.70 -7.91
N LEU F 38 0.73 -7.60 -8.20
CA LEU F 38 1.89 -7.17 -7.41
C LEU F 38 1.52 -6.40 -6.14
N LYS F 39 0.39 -5.69 -6.17
CA LYS F 39 -0.07 -4.95 -4.98
C LYS F 39 0.03 -5.75 -3.68
N PRO F 40 -0.53 -6.99 -3.65
CA PRO F 40 -0.37 -7.81 -2.43
C PRO F 40 1.06 -8.25 -2.16
N VAL F 41 1.85 -8.51 -3.22
CA VAL F 41 3.24 -8.94 -3.06
C VAL F 41 4.10 -7.86 -2.40
N TYR F 42 3.96 -6.60 -2.83
CA TYR F 42 4.68 -5.49 -2.19
C TYR F 42 4.24 -5.28 -0.74
N ASP F 43 2.94 -5.48 -0.49
CA ASP F 43 2.35 -5.35 0.84
C ASP F 43 2.94 -6.39 1.81
N MET F 44 3.08 -7.62 1.33
CA MET F 44 3.69 -8.70 2.11
C MET F 44 5.13 -8.40 2.51
N ALA F 45 5.90 -7.86 1.58
CA ALA F 45 7.30 -7.49 1.83
C ALA F 45 7.42 -6.50 3.00
N LYS F 46 6.49 -5.56 3.09
CA LYS F 46 6.45 -4.60 4.19
C LYS F 46 6.12 -5.29 5.53
N THR F 47 5.28 -6.31 5.48
CA THR F 47 4.96 -7.16 6.63
C THR F 47 6.11 -8.14 6.95
N ILE F 48 6.86 -8.57 5.94
CA ILE F 48 8.08 -9.36 6.17
C ILE F 48 9.17 -8.51 6.82
N SER F 49 9.20 -7.21 6.50
CA SER F 49 10.11 -6.28 7.16
C SER F 49 9.80 -6.14 8.65
N SER F 50 8.52 -6.24 9.02
CA SER F 50 8.11 -6.26 10.44
C SER F 50 8.48 -7.57 11.15
N LEU F 51 8.32 -8.69 10.45
CA LEU F 51 8.81 -9.99 10.94
C LEU F 51 10.31 -9.96 11.16
N ASN F 52 11.03 -9.32 10.25
CA ASN F 52 12.48 -9.13 10.38
C ASN F 52 12.85 -8.38 11.66
N ARG F 53 12.08 -7.36 11.99
CA ARG F 53 12.28 -6.58 13.21
C ARG F 53 11.96 -7.40 14.46
N VAL F 54 10.84 -8.13 14.41
CA VAL F 54 10.38 -8.96 15.54
C VAL F 54 11.31 -10.15 15.80
N CYS F 55 11.87 -10.76 14.75
CA CYS F 55 12.80 -11.88 14.89
C CYS F 55 14.13 -11.46 15.53
N ALA F 56 14.62 -10.27 15.17
CA ALA F 56 15.83 -9.69 15.79
C ALA F 56 15.58 -9.26 17.24
N GLU F 57 14.35 -8.84 17.51
CA GLU F 57 13.92 -8.47 18.86
C GLU F 57 13.84 -9.69 19.79
N MET F 58 13.37 -10.82 19.27
CA MET F 58 13.31 -12.09 20.04
C MET F 58 14.68 -12.54 20.48
N VAL F 59 15.63 -12.45 19.55
CA VAL F 59 17.03 -12.78 19.81
C VAL F 59 17.58 -11.93 20.96
N ALA F 60 17.52 -10.62 20.79
CA ALA F 60 18.11 -9.71 21.78
C ALA F 60 17.55 -9.96 23.19
N LYS F 61 16.23 -10.07 23.29
CA LYS F 61 15.55 -10.27 24.57
C LYS F 61 15.84 -11.63 25.20
N TYR F 62 15.95 -12.65 24.36
CA TYR F 62 16.36 -13.99 24.83
C TYR F 62 17.81 -14.00 25.35
N ASP F 63 18.68 -13.21 24.71
CA ASP F 63 20.07 -13.08 25.14
C ASP F 63 20.23 -12.41 26.53
N LEU F 64 19.19 -11.70 27.00
CA LEU F 64 19.12 -11.28 28.39
C LEU F 64 18.82 -12.46 29.32
N LEU F 65 17.83 -13.27 28.95
CA LEU F 65 17.43 -14.42 29.76
C LEU F 65 18.53 -15.48 29.89
N LEU F 66 19.44 -15.54 28.92
CA LEU F 66 20.66 -16.33 29.05
C LEU F 66 21.61 -15.69 30.06
N GLU F 67 21.79 -14.37 29.98
CA GLU F 67 22.65 -13.63 30.92
C GLU F 67 22.07 -13.55 32.33
N HIS F 68 20.76 -13.79 32.49
CA HIS F 68 20.15 -13.96 33.82
C HIS F 68 20.48 -15.33 34.40
N HIS F 69 20.20 -16.39 33.64
CA HIS F 69 20.53 -17.77 34.05
C HIS F 69 22.03 -17.98 34.28
N HIS F 70 22.85 -17.32 33.46
CA HIS F 70 24.31 -17.28 33.68
C HIS F 70 24.68 -16.62 35.02
N HIS F 71 23.95 -15.57 35.38
CA HIS F 71 24.16 -14.81 36.62
C HIS F 71 23.58 -15.47 37.89
N HIS F 72 22.44 -16.16 37.75
CA HIS F 72 21.76 -16.80 38.90
C HIS F 72 21.93 -18.33 39.02
N HIS F 73 22.35 -18.99 37.94
CA HIS F 73 22.64 -20.43 37.94
C HIS F 73 23.97 -20.72 37.24
N SER G 2 -40.88 5.60 -77.14
CA SER G 2 -42.31 5.75 -76.72
C SER G 2 -42.57 7.07 -75.99
N PHE G 3 -43.77 7.61 -76.16
CA PHE G 3 -44.16 8.88 -75.53
C PHE G 3 -44.76 8.67 -74.14
N GLU G 4 -45.72 7.76 -74.04
CA GLU G 4 -46.38 7.44 -72.76
C GLU G 4 -45.45 6.73 -71.76
N GLU G 5 -44.36 6.13 -72.25
CA GLU G 5 -43.29 5.59 -71.42
C GLU G 5 -42.40 6.70 -70.84
N VAL G 6 -42.06 7.68 -71.67
CA VAL G 6 -41.26 8.86 -71.24
C VAL G 6 -42.01 9.75 -70.22
N VAL G 7 -43.35 9.65 -70.17
CA VAL G 7 -44.16 10.28 -69.11
C VAL G 7 -43.80 9.69 -67.74
N GLN G 8 -43.89 8.37 -67.62
CA GLN G 8 -43.64 7.68 -66.34
C GLN G 8 -42.15 7.46 -66.01
N THR G 9 -41.28 7.50 -67.03
CA THR G 9 -39.82 7.45 -66.82
C THR G 9 -39.30 8.78 -66.25
N LEU G 10 -39.75 9.89 -66.84
CA LEU G 10 -39.38 11.23 -66.37
C LEU G 10 -40.13 11.63 -65.07
N ALA G 11 -41.31 11.03 -64.83
CA ALA G 11 -42.03 11.18 -63.55
C ALA G 11 -41.33 10.43 -62.41
N SER G 12 -40.73 9.28 -62.72
CA SER G 12 -39.90 8.53 -61.77
C SER G 12 -38.57 9.23 -61.49
N LEU G 13 -37.91 9.71 -62.55
CA LEU G 13 -36.64 10.44 -62.44
C LEU G 13 -36.72 11.68 -61.53
N ALA G 14 -37.86 12.37 -61.55
CA ALA G 14 -38.13 13.48 -60.64
C ALA G 14 -38.29 13.00 -59.19
N THR G 15 -39.03 11.91 -59.00
CA THR G 15 -39.28 11.35 -57.66
C THR G 15 -38.00 10.84 -56.97
N VAL G 16 -37.05 10.34 -57.75
CA VAL G 16 -35.75 9.92 -57.22
C VAL G 16 -34.87 11.13 -56.89
N VAL G 17 -34.84 12.10 -57.81
CA VAL G 17 -34.11 13.38 -57.60
C VAL G 17 -34.73 14.20 -56.45
N GLN G 18 -36.02 14.01 -56.20
CA GLN G 18 -36.69 14.60 -55.04
C GLN G 18 -36.11 14.06 -53.72
N GLN G 19 -35.98 12.74 -53.64
CA GLN G 19 -35.44 12.08 -52.45
C GLN G 19 -33.94 12.35 -52.26
N GLN G 20 -33.18 12.40 -53.36
CA GLN G 20 -31.75 12.74 -53.32
C GLN G 20 -31.50 14.18 -52.82
N THR G 21 -32.47 15.07 -52.98
CA THR G 21 -32.43 16.41 -52.40
C THR G 21 -32.62 16.35 -50.89
N ILE G 22 -33.60 15.56 -50.43
CA ILE G 22 -33.85 15.34 -49.00
C ILE G 22 -32.65 14.66 -48.34
N ALA G 23 -31.93 13.83 -49.10
CA ALA G 23 -30.70 13.19 -48.63
C ALA G 23 -29.70 14.26 -48.19
N SER G 24 -29.40 15.20 -49.08
CA SER G 24 -28.50 16.32 -48.73
C SER G 24 -29.00 17.12 -47.53
N GLU G 25 -30.26 17.57 -47.56
CA GLU G 25 -30.87 18.29 -46.41
C GLU G 25 -30.73 17.52 -45.09
N SER G 26 -31.00 16.22 -45.12
CA SER G 26 -30.88 15.36 -43.94
C SER G 26 -29.43 15.07 -43.56
N LEU G 27 -28.61 14.75 -44.56
CA LEU G 27 -27.23 14.32 -44.35
C LEU G 27 -26.32 15.48 -43.95
N GLU G 28 -26.42 16.59 -44.68
CA GLU G 28 -25.67 17.81 -44.38
C GLU G 28 -26.00 18.38 -42.99
N GLN G 29 -27.25 18.23 -42.57
CA GLN G 29 -27.68 18.63 -41.22
C GLN G 29 -26.93 17.82 -40.14
N ARG G 30 -26.66 16.55 -40.41
CA ARG G 30 -25.84 15.71 -39.51
C ARG G 30 -24.35 16.03 -39.58
N ILE G 31 -23.83 16.35 -40.77
CA ILE G 31 -22.44 16.76 -40.92
C ILE G 31 -22.19 18.04 -40.10
N THR G 32 -23.05 19.04 -40.30
CA THR G 32 -23.00 20.30 -39.55
C THR G 32 -23.02 20.09 -38.03
N SER G 33 -23.90 19.20 -37.58
CA SER G 33 -24.05 18.88 -36.16
C SER G 33 -22.76 18.32 -35.55
N LEU G 34 -22.14 17.36 -36.23
CA LEU G 34 -20.86 16.79 -35.80
C LEU G 34 -19.77 17.84 -35.81
N GLU G 35 -19.66 18.57 -36.91
CA GLU G 35 -18.71 19.67 -37.03
C GLU G 35 -18.81 20.60 -35.83
N ASN G 36 -20.04 20.94 -35.43
CA ASN G 36 -20.27 21.79 -34.26
C ASN G 36 -19.89 21.10 -32.95
N GLY G 37 -20.32 19.85 -32.78
CA GLY G 37 -20.04 19.10 -31.54
C GLY G 37 -18.57 18.76 -31.28
N LEU G 38 -17.78 18.76 -32.35
CA LEU G 38 -16.34 18.64 -32.27
C LEU G 38 -15.69 19.90 -31.68
N LYS G 39 -16.19 21.09 -32.05
CA LYS G 39 -15.56 22.37 -31.69
C LYS G 39 -15.31 22.65 -30.19
N PRO G 40 -16.20 22.18 -29.30
CA PRO G 40 -15.91 22.24 -27.87
C PRO G 40 -14.64 21.50 -27.44
N VAL G 41 -14.39 20.37 -28.08
CA VAL G 41 -13.21 19.56 -27.77
C VAL G 41 -11.89 20.27 -28.17
N TYR G 42 -11.96 21.23 -29.11
CA TYR G 42 -10.81 22.13 -29.38
C TYR G 42 -10.45 23.02 -28.18
N ASP G 43 -11.45 23.44 -27.41
CA ASP G 43 -11.24 24.27 -26.21
C ASP G 43 -10.85 23.48 -24.94
N MET G 44 -10.43 22.22 -25.10
CA MET G 44 -9.94 21.41 -23.98
C MET G 44 -8.65 21.96 -23.34
N ALA G 45 -7.87 22.74 -24.11
CA ALA G 45 -6.62 23.35 -23.63
C ALA G 45 -6.72 24.02 -22.25
N LYS G 46 -7.78 24.80 -22.06
CA LYS G 46 -8.00 25.50 -20.80
C LYS G 46 -8.32 24.56 -19.63
N THR G 47 -9.02 23.46 -19.90
CA THR G 47 -9.34 22.45 -18.87
C THR G 47 -8.17 21.49 -18.58
N ILE G 48 -7.41 21.14 -19.62
CA ILE G 48 -6.19 20.31 -19.45
C ILE G 48 -5.12 21.05 -18.66
N SER G 49 -5.02 22.36 -18.87
CA SER G 49 -4.13 23.19 -18.07
C SER G 49 -4.59 23.25 -16.61
N SER G 50 -5.91 23.27 -16.39
CA SER G 50 -6.47 23.20 -15.04
C SER G 50 -6.23 21.84 -14.40
N LEU G 51 -6.31 20.77 -15.17
CA LEU G 51 -5.92 19.44 -14.69
C LEU G 51 -4.45 19.41 -14.28
N ASN G 52 -3.61 20.04 -15.09
CA ASN G 52 -2.18 20.11 -14.84
C ASN G 52 -1.85 20.88 -13.55
N ARG G 53 -2.57 21.98 -13.28
CA ARG G 53 -2.44 22.70 -12.01
C ARG G 53 -2.91 21.86 -10.83
N VAL G 54 -3.95 21.05 -11.04
CA VAL G 54 -4.52 20.23 -9.97
C VAL G 54 -3.54 19.19 -9.44
N CYS G 55 -2.89 18.42 -10.31
CA CYS G 55 -1.87 17.46 -9.85
C CYS G 55 -0.54 18.13 -9.42
N ALA G 56 -0.36 19.41 -9.76
CA ALA G 56 0.73 20.21 -9.18
C ALA G 56 0.50 20.42 -7.69
N GLU G 57 -0.71 20.85 -7.34
CA GLU G 57 -1.10 21.04 -5.94
C GLU G 57 -1.08 19.73 -5.14
N MET G 58 -1.38 18.59 -5.79
CA MET G 58 -1.35 17.28 -5.12
C MET G 58 0.05 16.83 -4.76
N VAL G 59 1.00 16.98 -5.68
CA VAL G 59 2.41 16.70 -5.39
C VAL G 59 2.92 17.69 -4.34
N ALA G 60 2.46 18.94 -4.40
CA ALA G 60 2.82 19.99 -3.44
C ALA G 60 2.40 19.73 -1.98
N LYS G 61 1.47 18.81 -1.75
CA LYS G 61 1.12 18.39 -0.40
C LYS G 61 2.22 17.50 0.24
N TYR G 62 3.05 16.88 -0.59
CA TYR G 62 4.17 16.04 -0.13
C TYR G 62 5.51 16.80 0.05
N ASP G 63 5.48 18.14 -0.04
CA ASP G 63 6.68 18.97 0.22
C ASP G 63 7.46 18.51 1.46
N LEU G 64 6.76 18.49 2.59
CA LEU G 64 7.38 18.18 3.89
C LEU G 64 7.82 16.72 4.02
N LEU G 65 7.03 15.79 3.50
CA LEU G 65 7.42 14.38 3.47
C LEU G 65 8.65 14.15 2.61
N LEU G 66 8.74 14.86 1.48
CA LEU G 66 9.94 14.88 0.64
C LEU G 66 11.10 15.60 1.32
N GLU G 67 10.79 16.71 2.00
CA GLU G 67 11.76 17.44 2.84
C GLU G 67 12.46 16.46 3.80
N HIS G 68 11.65 15.64 4.49
CA HIS G 68 12.16 14.62 5.41
C HIS G 68 13.02 13.57 4.71
N HIS G 69 12.52 13.09 3.56
CA HIS G 69 13.23 12.09 2.74
C HIS G 69 14.66 12.52 2.35
N HIS G 70 14.87 13.81 2.10
CA HIS G 70 16.18 14.32 1.66
C HIS G 70 17.29 14.09 2.69
N HIS G 71 17.00 14.32 3.96
CA HIS G 71 17.99 14.19 5.04
C HIS G 71 18.15 12.75 5.54
N HIS G 72 17.08 11.95 5.47
CA HIS G 72 17.09 10.54 5.89
C HIS G 72 16.52 9.63 4.79
N HIS G 73 17.36 8.79 4.18
CA HIS G 73 16.89 7.79 3.21
C HIS G 73 17.87 6.62 3.05
N MET H 1 -48.53 16.27 -71.41
CA MET H 1 -47.41 17.15 -71.87
C MET H 1 -47.20 17.06 -73.38
N SER H 2 -46.47 18.05 -73.90
CA SER H 2 -46.04 18.07 -75.31
C SER H 2 -44.58 17.60 -75.41
N PHE H 3 -43.97 17.73 -76.58
CA PHE H 3 -42.52 17.53 -76.74
C PHE H 3 -41.72 18.75 -76.23
N GLU H 4 -42.26 19.95 -76.42
CA GLU H 4 -41.64 21.19 -75.92
C GLU H 4 -41.67 21.33 -74.39
N GLU H 5 -42.63 20.67 -73.74
CA GLU H 5 -42.69 20.61 -72.27
C GLU H 5 -41.76 19.54 -71.69
N VAL H 6 -41.47 18.49 -72.47
CA VAL H 6 -40.49 17.45 -72.09
C VAL H 6 -39.04 17.98 -72.10
N VAL H 7 -38.67 18.73 -73.14
CA VAL H 7 -37.31 19.32 -73.22
C VAL H 7 -37.08 20.49 -72.23
N GLN H 8 -38.15 21.03 -71.65
CA GLN H 8 -38.07 22.01 -70.56
C GLN H 8 -37.88 21.31 -69.20
N THR H 9 -38.58 20.19 -68.99
CA THR H 9 -38.44 19.37 -67.77
C THR H 9 -37.08 18.68 -67.69
N LEU H 10 -36.62 18.14 -68.82
CA LEU H 10 -35.31 17.47 -68.88
C LEU H 10 -34.15 18.45 -68.73
N ALA H 11 -34.30 19.66 -69.28
CA ALA H 11 -33.31 20.73 -69.08
C ALA H 11 -33.36 21.31 -67.66
N SER H 12 -34.54 21.29 -67.04
CA SER H 12 -34.69 21.64 -65.62
C SER H 12 -34.08 20.59 -64.70
N LEU H 13 -34.37 19.32 -64.96
CA LEU H 13 -33.77 18.20 -64.21
C LEU H 13 -32.30 17.95 -64.57
N ALA H 14 -31.84 18.50 -65.69
CA ALA H 14 -30.40 18.50 -66.02
C ALA H 14 -29.60 19.38 -65.06
N THR H 15 -30.11 20.57 -64.78
CA THR H 15 -29.44 21.53 -63.89
C THR H 15 -29.45 21.11 -62.41
N VAL H 16 -30.60 20.65 -61.91
CA VAL H 16 -30.75 20.26 -60.49
C VAL H 16 -29.94 19.01 -60.11
N VAL H 17 -29.64 18.15 -61.09
CA VAL H 17 -28.84 16.95 -60.88
C VAL H 17 -27.34 17.25 -60.94
N GLN H 18 -26.89 18.04 -61.91
CA GLN H 18 -25.47 18.42 -62.01
C GLN H 18 -25.03 19.40 -60.90
N GLN H 19 -26.00 20.11 -60.31
CA GLN H 19 -25.79 20.86 -59.06
C GLN H 19 -25.59 19.90 -57.88
N GLN H 20 -26.47 18.91 -57.76
CA GLN H 20 -26.45 17.90 -56.69
C GLN H 20 -25.12 17.12 -56.61
N THR H 21 -24.43 16.94 -57.73
CA THR H 21 -23.10 16.31 -57.75
C THR H 21 -22.04 17.17 -57.05
N ILE H 22 -22.15 18.49 -57.19
CA ILE H 22 -21.24 19.43 -56.52
C ILE H 22 -21.55 19.46 -55.02
N ALA H 23 -22.82 19.29 -54.66
CA ALA H 23 -23.24 19.16 -53.25
C ALA H 23 -22.67 17.89 -52.61
N SER H 24 -22.78 16.76 -53.30
CA SER H 24 -22.15 15.51 -52.88
C SER H 24 -20.63 15.64 -52.76
N GLU H 25 -20.01 16.29 -53.74
CA GLU H 25 -18.57 16.59 -53.70
C GLU H 25 -18.19 17.51 -52.52
N SER H 26 -19.08 18.45 -52.20
CA SER H 26 -18.89 19.33 -51.06
C SER H 26 -19.03 18.59 -49.72
N LEU H 27 -20.08 17.76 -49.59
CA LEU H 27 -20.30 17.00 -48.35
C LEU H 27 -19.24 15.93 -48.10
N GLU H 28 -18.68 15.37 -49.18
CA GLU H 28 -17.60 14.37 -49.07
C GLU H 28 -16.39 14.94 -48.35
N GLN H 29 -15.91 16.09 -48.81
CA GLN H 29 -14.74 16.73 -48.22
C GLN H 29 -14.97 17.15 -46.77
N ARG H 30 -16.18 17.61 -46.46
CA ARG H 30 -16.57 17.94 -45.07
C ARG H 30 -16.52 16.74 -44.15
N ILE H 31 -16.89 15.57 -44.69
CA ILE H 31 -16.80 14.30 -43.97
C ILE H 31 -15.34 13.86 -43.75
N THR H 32 -14.47 14.11 -44.73
CA THR H 32 -13.04 13.83 -44.57
C THR H 32 -12.42 14.54 -43.35
N SER H 33 -12.81 15.81 -43.14
CA SER H 33 -12.40 16.56 -41.94
C SER H 33 -12.92 15.94 -40.66
N LEU H 34 -14.16 15.44 -40.68
CA LEU H 34 -14.74 14.75 -39.54
C LEU H 34 -14.04 13.42 -39.26
N GLU H 35 -13.93 12.60 -40.30
CA GLU H 35 -13.24 11.31 -40.22
C GLU H 35 -11.83 11.46 -39.64
N ASN H 36 -11.07 12.37 -40.23
CA ASN H 36 -9.69 12.64 -39.82
C ASN H 36 -9.61 13.39 -38.48
N GLY H 37 -10.55 14.31 -38.27
CA GLY H 37 -10.55 15.18 -37.08
C GLY H 37 -11.09 14.56 -35.80
N LEU H 38 -11.95 13.56 -35.92
CA LEU H 38 -12.49 12.84 -34.75
C LEU H 38 -11.54 11.78 -34.22
N LYS H 39 -10.60 11.30 -35.04
CA LYS H 39 -9.57 10.33 -34.60
C LYS H 39 -8.97 10.67 -33.23
N PRO H 40 -8.43 11.90 -33.06
CA PRO H 40 -7.97 12.30 -31.72
C PRO H 40 -9.08 12.55 -30.69
N VAL H 41 -10.24 13.01 -31.15
CA VAL H 41 -11.37 13.29 -30.25
C VAL H 41 -11.88 12.01 -29.58
N TYR H 42 -11.88 10.90 -30.31
CA TYR H 42 -12.21 9.60 -29.72
C TYR H 42 -11.11 9.09 -28.82
N ASP H 43 -9.85 9.31 -29.21
CA ASP H 43 -8.71 8.84 -28.43
C ASP H 43 -8.56 9.61 -27.10
N MET H 44 -8.97 10.87 -27.10
CA MET H 44 -9.02 11.66 -25.86
C MET H 44 -10.08 11.15 -24.90
N ALA H 45 -11.24 10.76 -25.44
CA ALA H 45 -12.33 10.19 -24.64
C ALA H 45 -11.92 8.91 -23.92
N LYS H 46 -11.02 8.13 -24.52
CA LYS H 46 -10.43 6.96 -23.86
C LYS H 46 -9.71 7.41 -22.59
N THR H 47 -8.83 8.39 -22.74
CA THR H 47 -8.06 8.97 -21.64
C THR H 47 -8.94 9.61 -20.56
N ILE H 48 -10.05 10.21 -20.96
CA ILE H 48 -10.98 10.80 -19.98
C ILE H 48 -11.59 9.72 -19.07
N SER H 49 -11.79 8.51 -19.59
CA SER H 49 -12.21 7.38 -18.74
C SER H 49 -11.14 6.93 -17.74
N SER H 50 -9.87 6.99 -18.12
CA SER H 50 -8.75 6.75 -17.18
C SER H 50 -8.74 7.80 -16.07
N LEU H 51 -9.10 9.03 -16.41
CA LEU H 51 -9.26 10.07 -15.40
C LEU H 51 -10.41 9.75 -14.45
N ASN H 52 -11.53 9.28 -15.00
CA ASN H 52 -12.71 8.90 -14.19
C ASN H 52 -12.44 7.78 -13.19
N ARG H 53 -11.61 6.81 -13.55
CA ARG H 53 -11.19 5.78 -12.60
C ARG H 53 -10.28 6.38 -11.53
N VAL H 54 -9.27 7.13 -11.96
CA VAL H 54 -8.32 7.77 -11.05
C VAL H 54 -9.02 8.76 -10.11
N CYS H 55 -9.91 9.57 -10.68
CA CYS H 55 -10.75 10.53 -9.95
C CYS H 55 -11.54 9.89 -8.81
N ALA H 56 -12.12 8.72 -9.09
CA ALA H 56 -12.87 7.94 -8.08
C ALA H 56 -11.93 7.29 -7.07
N GLU H 57 -10.87 6.66 -7.58
CA GLU H 57 -9.85 6.04 -6.76
C GLU H 57 -9.23 7.01 -5.76
N MET H 58 -8.95 8.24 -6.21
CA MET H 58 -8.45 9.31 -5.33
C MET H 58 -9.38 9.57 -4.14
N VAL H 59 -10.67 9.69 -4.43
CA VAL H 59 -11.68 10.02 -3.42
C VAL H 59 -11.86 8.86 -2.44
N ALA H 60 -11.92 7.64 -2.98
CA ALA H 60 -11.95 6.42 -2.16
C ALA H 60 -10.75 6.35 -1.19
N LYS H 61 -9.55 6.58 -1.73
CA LYS H 61 -8.32 6.52 -0.93
C LYS H 61 -8.12 7.70 0.03
N TYR H 62 -8.73 8.84 -0.27
CA TYR H 62 -8.78 9.95 0.70
C TYR H 62 -9.81 9.69 1.80
N ASP H 63 -10.86 8.93 1.50
CA ASP H 63 -11.82 8.51 2.52
C ASP H 63 -11.13 7.68 3.63
N LEU H 64 -10.18 6.84 3.23
CA LEU H 64 -9.42 6.02 4.19
C LEU H 64 -8.46 6.84 5.06
N LEU H 65 -7.92 7.94 4.52
CA LEU H 65 -7.11 8.87 5.31
C LEU H 65 -7.93 9.57 6.40
N LEU H 66 -9.19 9.86 6.10
CA LEU H 66 -10.09 10.49 7.09
C LEU H 66 -10.50 9.53 8.20
N GLU H 67 -10.60 8.24 7.90
CA GLU H 67 -10.90 7.24 8.94
C GLU H 67 -9.71 6.97 9.87
N HIS H 68 -8.50 7.36 9.48
CA HIS H 68 -7.37 7.41 10.42
C HIS H 68 -7.59 8.56 11.41
N HIS H 69 -7.89 9.76 10.89
CA HIS H 69 -8.13 10.94 11.74
C HIS H 69 -9.47 10.86 12.50
N HIS H 70 -10.41 10.04 12.02
CA HIS H 70 -11.63 9.72 12.76
C HIS H 70 -11.32 8.89 14.03
N HIS H 71 -10.39 7.95 13.93
CA HIS H 71 -10.04 7.04 15.03
C HIS H 71 -8.88 7.48 15.93
N HIS H 72 -7.97 8.32 15.42
CA HIS H 72 -6.80 8.79 16.20
C HIS H 72 -6.86 10.24 16.70
N HIS H 73 -7.84 11.02 16.25
CA HIS H 73 -8.05 12.40 16.72
C HIS H 73 -9.57 12.67 16.89
N MET I 1 -32.05 19.34 -80.97
CA MET I 1 -32.09 17.93 -80.47
C MET I 1 -33.48 17.31 -80.63
N SER I 2 -33.57 16.31 -81.51
CA SER I 2 -34.83 15.62 -81.81
C SER I 2 -35.15 14.55 -80.75
N PHE I 3 -36.19 13.73 -80.99
CA PHE I 3 -36.50 12.56 -80.15
C PHE I 3 -35.34 11.53 -80.14
N GLU I 4 -34.59 11.47 -81.24
CA GLU I 4 -33.33 10.71 -81.32
C GLU I 4 -32.31 11.17 -80.25
N GLU I 5 -32.15 12.48 -80.14
CA GLU I 5 -31.17 13.09 -79.22
C GLU I 5 -31.66 13.19 -77.76
N VAL I 6 -32.96 13.45 -77.56
CA VAL I 6 -33.54 13.64 -76.22
C VAL I 6 -33.57 12.35 -75.39
N VAL I 7 -33.83 11.20 -76.02
CA VAL I 7 -33.81 9.90 -75.33
C VAL I 7 -32.37 9.46 -74.95
N GLN I 8 -31.38 9.84 -75.77
CA GLN I 8 -29.96 9.61 -75.44
C GLN I 8 -29.48 10.37 -74.19
N THR I 9 -30.14 11.50 -73.89
CA THR I 9 -29.87 12.28 -72.67
C THR I 9 -30.65 11.75 -71.44
N LEU I 10 -31.88 11.26 -71.63
CA LEU I 10 -32.73 10.76 -70.52
C LEU I 10 -32.12 9.54 -69.82
N ALA I 11 -31.69 8.57 -70.61
CA ALA I 11 -30.98 7.39 -70.09
C ALA I 11 -29.60 7.75 -69.51
N SER I 12 -28.96 8.78 -70.07
CA SER I 12 -27.70 9.31 -69.53
C SER I 12 -27.85 10.02 -68.18
N LEU I 13 -29.00 10.66 -67.95
CA LEU I 13 -29.30 11.26 -66.63
C LEU I 13 -29.64 10.19 -65.59
N ALA I 14 -30.40 9.17 -65.99
CA ALA I 14 -30.74 8.05 -65.09
C ALA I 14 -29.52 7.25 -64.62
N THR I 15 -28.45 7.27 -65.42
CA THR I 15 -27.13 6.76 -65.00
C THR I 15 -26.54 7.64 -63.89
N VAL I 16 -26.56 8.96 -64.11
CA VAL I 16 -26.03 9.94 -63.15
C VAL I 16 -26.90 10.06 -61.88
N VAL I 17 -28.20 9.79 -62.02
CA VAL I 17 -29.11 9.69 -60.87
C VAL I 17 -28.84 8.39 -60.09
N GLN I 18 -28.64 7.28 -60.80
CA GLN I 18 -28.24 6.01 -60.17
C GLN I 18 -26.81 6.09 -59.60
N GLN I 19 -25.96 6.89 -60.23
CA GLN I 19 -24.62 7.19 -59.73
C GLN I 19 -24.70 7.86 -58.36
N GLN I 20 -25.57 8.85 -58.24
CA GLN I 20 -25.74 9.61 -57.01
C GLN I 20 -26.48 8.86 -55.89
N THR I 21 -27.34 7.90 -56.25
CA THR I 21 -27.99 7.05 -55.25
C THR I 21 -26.97 6.14 -54.54
N ILE I 22 -25.96 5.70 -55.29
CA ILE I 22 -24.80 4.96 -54.74
C ILE I 22 -23.88 5.91 -53.96
N ALA I 23 -23.71 7.15 -54.44
CA ALA I 23 -22.94 8.18 -53.74
C ALA I 23 -23.53 8.55 -52.37
N SER I 24 -24.86 8.72 -52.30
CA SER I 24 -25.56 9.02 -51.03
C SER I 24 -25.33 7.96 -49.96
N GLU I 25 -25.34 6.68 -50.37
CA GLU I 25 -25.18 5.58 -49.43
C GLU I 25 -23.75 5.39 -48.92
N SER I 26 -22.74 5.78 -49.70
CA SER I 26 -21.34 5.75 -49.22
C SER I 26 -21.15 6.79 -48.12
N LEU I 27 -21.59 8.02 -48.41
CA LEU I 27 -21.56 9.12 -47.44
C LEU I 27 -22.40 8.80 -46.20
N GLU I 28 -23.53 8.13 -46.39
CA GLU I 28 -24.38 7.67 -45.29
C GLU I 28 -23.61 6.74 -44.35
N GLN I 29 -23.05 5.66 -44.90
CA GLN I 29 -22.32 4.67 -44.10
C GLN I 29 -21.00 5.19 -43.54
N ARG I 30 -20.46 6.27 -44.10
CA ARG I 30 -19.30 6.97 -43.51
C ARG I 30 -19.68 7.64 -42.19
N ILE I 31 -20.74 8.44 -42.22
CA ILE I 31 -21.16 9.21 -41.04
C ILE I 31 -21.68 8.23 -40.00
N THR I 32 -22.49 7.27 -40.45
CA THR I 32 -22.99 6.19 -39.60
C THR I 32 -21.84 5.48 -38.88
N SER I 33 -20.71 5.27 -39.57
CA SER I 33 -19.54 4.67 -38.96
C SER I 33 -18.93 5.57 -37.87
N LEU I 34 -18.88 6.88 -38.14
CA LEU I 34 -18.37 7.85 -37.15
C LEU I 34 -19.33 7.99 -35.96
N GLU I 35 -20.61 8.15 -36.26
CA GLU I 35 -21.64 8.18 -35.21
C GLU I 35 -21.51 6.99 -34.25
N ASN I 36 -21.23 5.81 -34.79
CA ASN I 36 -20.98 4.59 -33.99
C ASN I 36 -19.67 4.63 -33.20
N GLY I 37 -18.70 5.40 -33.68
CA GLY I 37 -17.48 5.72 -32.93
C GLY I 37 -17.68 6.42 -31.60
N LEU I 38 -18.88 6.96 -31.38
CA LEU I 38 -19.29 7.50 -30.08
C LEU I 38 -19.91 6.46 -29.12
N LYS I 39 -19.79 5.16 -29.45
CA LYS I 39 -20.29 4.09 -28.57
C LYS I 39 -19.65 4.12 -27.18
N PRO I 40 -18.31 4.30 -27.10
CA PRO I 40 -17.67 4.37 -25.78
C PRO I 40 -18.03 5.62 -24.95
N VAL I 41 -18.26 6.75 -25.62
CA VAL I 41 -18.45 8.04 -24.93
C VAL I 41 -19.81 8.12 -24.22
N TYR I 42 -20.84 7.52 -24.80
CA TYR I 42 -22.17 7.45 -24.17
C TYR I 42 -22.17 6.50 -22.96
N ASP I 43 -21.46 5.38 -23.08
CA ASP I 43 -21.29 4.43 -21.95
C ASP I 43 -20.66 5.11 -20.73
N MET I 44 -19.63 5.93 -20.99
CA MET I 44 -18.91 6.67 -19.95
C MET I 44 -19.79 7.73 -19.30
N ALA I 45 -20.37 8.61 -20.11
CA ALA I 45 -21.18 9.73 -19.62
C ALA I 45 -22.41 9.32 -18.81
N LYS I 46 -22.91 8.10 -19.04
CA LYS I 46 -23.97 7.50 -18.22
C LYS I 46 -23.58 7.43 -16.73
N THR I 47 -22.39 6.92 -16.45
CA THR I 47 -21.88 6.82 -15.07
C THR I 47 -21.21 8.12 -14.62
N ASN I 52 -20.08 13.92 -7.74
CA ASN I 52 -20.76 15.17 -7.40
C ASN I 52 -21.31 15.15 -5.98
N ARG I 53 -22.12 14.13 -5.66
CA ARG I 53 -22.68 13.95 -4.31
C ARG I 53 -21.60 13.46 -3.33
N VAL I 54 -20.87 12.42 -3.73
CA VAL I 54 -19.75 11.87 -2.92
C VAL I 54 -18.54 12.79 -2.84
N CYS I 55 -18.41 13.68 -3.83
CA CYS I 55 -17.41 14.75 -3.83
C CYS I 55 -17.61 15.73 -2.68
N ALA I 56 -18.85 16.22 -2.56
CA ALA I 56 -19.22 17.17 -1.53
C ALA I 56 -19.15 16.55 -0.14
N GLU I 57 -19.60 15.30 -0.03
CA GLU I 57 -19.53 14.55 1.23
C GLU I 57 -18.10 14.39 1.77
N MET I 58 -17.12 14.37 0.87
CA MET I 58 -15.72 14.44 1.25
C MET I 58 -15.40 15.79 1.90
N VAL I 59 -15.76 16.87 1.21
CA VAL I 59 -15.48 18.24 1.67
C VAL I 59 -16.18 18.56 2.99
N ALA I 60 -17.38 18.01 3.17
CA ALA I 60 -18.11 18.08 4.43
C ALA I 60 -17.33 17.41 5.56
N LYS I 61 -16.97 16.15 5.35
CA LYS I 61 -16.19 15.37 6.31
C LYS I 61 -14.85 16.05 6.64
N TYR I 62 -14.27 16.75 5.67
CA TYR I 62 -13.04 17.54 5.86
C TYR I 62 -13.26 18.77 6.74
N ASP I 63 -14.38 19.47 6.56
CA ASP I 63 -14.70 20.65 7.39
C ASP I 63 -14.96 20.30 8.85
N LEU I 64 -15.74 19.25 9.08
CA LEU I 64 -16.18 18.87 10.42
C LEU I 64 -15.10 18.19 11.26
N LEU I 65 -14.06 17.66 10.61
CA LEU I 65 -12.85 17.19 11.29
C LEU I 65 -11.71 18.22 11.26
N LEU I 66 -12.08 19.51 11.30
CA LEU I 66 -11.18 20.63 11.66
C LEU I 66 -11.71 21.35 12.91
N GLU I 67 -12.62 20.70 13.64
CA GLU I 67 -13.28 21.28 14.81
C GLU I 67 -13.92 20.19 15.67
N MET J 1 20.79 4.71 51.80
CA MET J 1 21.18 3.64 50.82
C MET J 1 22.41 2.86 51.30
N SER J 2 22.20 1.60 51.70
CA SER J 2 23.29 0.72 52.09
C SER J 2 24.08 0.24 50.87
N PHE J 3 25.24 -0.36 51.10
CA PHE J 3 26.08 -0.89 50.02
C PHE J 3 25.50 -2.18 49.42
N GLU J 4 24.72 -2.91 50.22
CA GLU J 4 23.88 -4.00 49.72
C GLU J 4 22.93 -3.50 48.62
N GLU J 5 22.27 -2.37 48.90
CA GLU J 5 21.31 -1.76 47.96
C GLU J 5 21.94 -1.11 46.72
N VAL J 6 23.13 -0.55 46.85
CA VAL J 6 23.86 0.01 45.69
C VAL J 6 24.19 -1.10 44.67
N VAL J 7 24.53 -2.29 45.16
CA VAL J 7 24.78 -3.45 44.30
C VAL J 7 23.47 -3.88 43.61
N GLN J 8 22.44 -4.12 44.42
CA GLN J 8 21.11 -4.55 43.91
C GLN J 8 20.42 -3.51 43.01
N THR J 9 20.71 -2.23 43.20
CA THR J 9 20.18 -1.16 42.32
C THR J 9 20.87 -1.22 40.96
N LEU J 10 22.19 -1.33 40.93
CA LEU J 10 22.93 -1.54 39.68
C LEU J 10 22.55 -2.87 39.00
N ALA J 11 22.23 -3.89 39.80
CA ALA J 11 21.79 -5.19 39.28
C ALA J 11 20.53 -5.08 38.42
N SER J 12 19.54 -4.31 38.88
CA SER J 12 18.36 -4.00 38.07
C SER J 12 18.71 -3.06 36.94
N LEU J 13 19.26 -1.90 37.29
CA LEU J 13 19.54 -0.82 36.32
C LEU J 13 20.27 -1.30 35.06
N ALA J 14 21.19 -2.24 35.21
CA ALA J 14 21.90 -2.84 34.08
C ALA J 14 20.98 -3.67 33.17
N THR J 15 20.08 -4.46 33.77
CA THR J 15 19.08 -5.21 32.99
C THR J 15 18.13 -4.27 32.25
N VAL J 16 17.64 -3.24 32.94
CA VAL J 16 16.67 -2.31 32.36
C VAL J 16 17.28 -1.50 31.21
N VAL J 17 18.50 -1.01 31.38
CA VAL J 17 19.17 -0.29 30.29
C VAL J 17 19.35 -1.20 29.07
N GLN J 18 19.73 -2.45 29.28
CA GLN J 18 19.82 -3.44 28.20
C GLN J 18 18.48 -3.70 27.53
N GLN J 19 17.39 -3.70 28.31
CA GLN J 19 16.04 -3.75 27.76
C GLN J 19 15.74 -2.51 26.92
N GLN J 20 16.11 -1.34 27.43
CA GLN J 20 15.85 -0.07 26.73
C GLN J 20 16.75 0.16 25.52
N THR J 21 17.87 -0.55 25.43
CA THR J 21 18.70 -0.56 24.22
C THR J 21 17.97 -1.28 23.08
N ILE J 22 17.33 -2.40 23.42
CA ILE J 22 16.52 -3.18 22.47
C ILE J 22 15.36 -2.35 21.97
N ALA J 23 14.65 -1.72 22.91
CA ALA J 23 13.47 -0.91 22.60
C ALA J 23 13.79 0.20 21.61
N SER J 24 14.84 0.96 21.89
CA SER J 24 15.28 2.04 21.00
C SER J 24 15.69 1.49 19.62
N GLU J 25 16.35 0.34 19.60
CA GLU J 25 16.71 -0.33 18.35
C GLU J 25 15.50 -0.74 17.52
N SER J 26 14.42 -1.20 18.16
CA SER J 26 13.18 -1.49 17.44
C SER J 26 12.64 -0.23 16.77
N LEU J 27 12.49 0.83 17.56
CA LEU J 27 11.89 2.08 17.07
C LEU J 27 12.69 2.74 15.97
N GLU J 28 14.01 2.52 15.95
CA GLU J 28 14.86 2.96 14.82
C GLU J 28 14.54 2.21 13.53
N GLN J 29 14.27 0.90 13.62
CA GLN J 29 13.85 0.12 12.46
C GLN J 29 12.46 0.54 11.97
N ARG J 30 11.55 0.79 12.91
CA ARG J 30 10.18 1.17 12.57
C ARG J 30 10.10 2.52 11.86
N ILE J 31 11.00 3.44 12.22
CA ILE J 31 11.10 4.71 11.52
C ILE J 31 11.76 4.51 10.16
N THR J 32 12.85 3.76 10.12
CA THR J 32 13.54 3.44 8.86
C THR J 32 12.58 2.90 7.80
N SER J 33 11.72 1.95 8.18
CA SER J 33 10.67 1.42 7.30
C SER J 33 9.82 2.54 6.72
N LEU J 34 9.29 3.39 7.60
CA LEU J 34 8.45 4.51 7.18
C LEU J 34 9.20 5.47 6.27
N GLU J 35 10.48 5.69 6.55
CA GLU J 35 11.31 6.52 5.66
C GLU J 35 11.54 5.89 4.27
N ASN J 36 11.58 4.55 4.21
CA ASN J 36 11.73 3.82 2.94
C ASN J 36 10.48 3.85 2.04
N GLY J 37 9.30 4.02 2.64
CA GLY J 37 8.06 4.19 1.87
C GLY J 37 7.96 5.51 1.13
N LEU J 38 8.81 6.47 1.49
CA LEU J 38 8.91 7.75 0.77
C LEU J 38 9.78 7.67 -0.50
N LYS J 39 10.46 6.56 -0.73
CA LYS J 39 11.26 6.35 -1.95
C LYS J 39 10.40 6.27 -3.23
N PRO J 40 9.25 5.56 -3.19
CA PRO J 40 8.23 5.65 -4.26
C PRO J 40 7.57 7.02 -4.41
N VAL J 41 7.29 7.70 -3.30
CA VAL J 41 6.77 9.07 -3.32
C VAL J 41 7.71 9.99 -4.06
N TYR J 42 9.01 9.86 -3.78
CA TYR J 42 10.05 10.65 -4.44
C TYR J 42 9.96 10.54 -5.95
N ASP J 43 9.76 9.32 -6.45
CA ASP J 43 9.72 9.06 -7.88
C ASP J 43 8.51 9.73 -8.55
N MET J 44 7.34 9.60 -7.92
CA MET J 44 6.12 10.30 -8.34
C MET J 44 6.37 11.80 -8.47
N ALA J 45 7.04 12.38 -7.47
CA ALA J 45 7.33 13.81 -7.42
C ALA J 45 8.39 14.24 -8.44
N LYS J 46 9.36 13.35 -8.72
CA LYS J 46 10.46 13.63 -9.67
C LYS J 46 9.97 14.01 -11.07
N THR J 47 8.90 13.36 -11.54
CA THR J 47 8.32 13.61 -12.86
C THR J 47 7.11 14.57 -12.82
N ILE J 48 7.30 15.72 -12.17
CA ILE J 48 6.37 16.85 -12.25
C ILE J 48 7.08 18.13 -12.73
N SER J 49 8.29 17.98 -13.28
CA SER J 49 9.10 19.09 -13.77
C SER J 49 8.79 19.42 -15.24
N SER J 50 8.52 18.38 -16.03
CA SER J 50 8.05 18.55 -17.42
C SER J 50 6.60 19.04 -17.52
N LEU J 51 5.81 18.90 -16.44
CA LEU J 51 4.41 19.34 -16.40
C LEU J 51 4.24 20.80 -16.85
N ASN J 52 4.78 21.73 -16.07
CA ASN J 52 4.68 23.17 -16.37
C ASN J 52 5.52 23.65 -17.58
N ARG J 53 6.42 22.81 -18.08
CA ARG J 53 7.12 23.08 -19.34
C ARG J 53 6.29 22.63 -20.54
N VAL J 54 5.82 21.39 -20.50
CA VAL J 54 5.10 20.78 -21.63
C VAL J 54 3.68 21.32 -21.79
N CYS J 55 3.04 21.70 -20.69
CA CYS J 55 1.68 22.26 -20.75
C CYS J 55 1.65 23.66 -21.36
N ALA J 56 2.62 24.50 -21.03
CA ALA J 56 2.74 25.83 -21.64
C ALA J 56 2.89 25.75 -23.17
N GLU J 57 3.63 24.76 -23.65
CA GLU J 57 3.77 24.51 -25.10
C GLU J 57 2.41 24.20 -25.73
N MET J 58 1.58 23.44 -25.02
CA MET J 58 0.20 23.18 -25.44
C MET J 58 -0.62 24.46 -25.41
N VAL J 59 -0.50 25.23 -24.35
CA VAL J 59 -1.27 26.46 -24.21
C VAL J 59 -0.90 27.47 -25.30
N ALA J 60 0.40 27.73 -25.44
CA ALA J 60 0.91 28.65 -26.47
C ALA J 60 0.44 28.25 -27.87
N LYS J 61 0.51 26.94 -28.17
CA LYS J 61 -0.03 26.42 -29.44
C LYS J 61 -1.51 26.74 -29.60
N TYR J 62 -2.29 26.53 -28.54
CA TYR J 62 -3.71 26.87 -28.54
C TYR J 62 -3.90 28.36 -28.82
N ASP J 63 -3.14 29.18 -28.10
CA ASP J 63 -3.24 30.64 -28.22
C ASP J 63 -2.91 31.15 -29.63
N LEU J 64 -1.87 30.60 -30.25
CA LEU J 64 -1.49 31.00 -31.61
C LEU J 64 -2.55 30.63 -32.66
N LEU J 65 -3.05 29.40 -32.61
CA LEU J 65 -4.01 28.91 -33.60
C LEU J 65 -5.36 29.63 -33.52
N LEU J 66 -5.83 29.87 -32.30
CA LEU J 66 -7.05 30.65 -32.07
C LEU J 66 -6.68 32.09 -31.71
N MET K 1 30.22 -7.31 44.48
CA MET K 1 31.34 -6.52 43.88
C MET K 1 32.01 -5.61 44.92
N SER K 2 33.25 -5.21 44.62
CA SER K 2 34.01 -4.27 45.46
C SER K 2 33.57 -2.82 45.20
N PHE K 3 34.15 -1.88 45.94
CA PHE K 3 33.93 -0.45 45.68
C PHE K 3 34.56 -0.01 44.36
N GLU K 4 35.69 -0.64 43.99
CA GLU K 4 36.36 -0.37 42.72
C GLU K 4 35.48 -0.73 41.51
N GLU K 5 34.84 -1.88 41.57
CA GLU K 5 33.94 -2.35 40.50
C GLU K 5 32.60 -1.60 40.44
N VAL K 6 32.19 -0.95 41.54
CA VAL K 6 31.00 -0.09 41.56
C VAL K 6 31.22 1.20 40.78
N VAL K 7 32.42 1.79 40.90
CA VAL K 7 32.73 3.05 40.21
C VAL K 7 32.94 2.86 38.70
N GLN K 8 33.56 1.75 38.28
CA GLN K 8 33.71 1.46 36.84
C GLN K 8 32.40 1.00 36.18
N THR K 9 31.52 0.34 36.95
CA THR K 9 30.20 -0.11 36.47
C THR K 9 29.19 1.05 36.41
N LEU K 10 29.20 1.91 37.43
CA LEU K 10 28.33 3.10 37.47
C LEU K 10 28.76 4.18 36.47
N ALA K 11 30.05 4.28 36.19
CA ALA K 11 30.56 5.18 35.14
C ALA K 11 30.32 4.65 33.73
N SER K 12 30.24 3.32 33.59
CA SER K 12 29.94 2.66 32.30
C SER K 12 28.48 2.87 31.88
N LEU K 13 27.55 2.63 32.79
CA LEU K 13 26.12 2.89 32.55
C LEU K 13 25.83 4.37 32.29
N ALA K 14 26.61 5.26 32.89
CA ALA K 14 26.48 6.70 32.66
C ALA K 14 26.69 7.07 31.18
N THR K 15 27.68 6.45 30.54
CA THR K 15 27.95 6.68 29.11
C THR K 15 26.90 6.02 28.20
N VAL K 16 26.36 4.87 28.61
CA VAL K 16 25.33 4.17 27.84
C VAL K 16 23.99 4.91 27.92
N VAL K 17 23.61 5.32 29.12
CA VAL K 17 22.36 6.08 29.33
C VAL K 17 22.47 7.50 28.75
N GLN K 18 23.70 7.99 28.56
CA GLN K 18 23.95 9.22 27.79
C GLN K 18 23.63 9.01 26.30
N GLN K 19 24.20 7.94 25.72
CA GLN K 19 23.98 7.57 24.31
C GLN K 19 22.51 7.33 23.98
N GLN K 20 21.79 6.72 24.91
CA GLN K 20 20.35 6.47 24.77
C GLN K 20 19.52 7.77 24.78
N THR K 21 19.94 8.75 25.59
CA THR K 21 19.28 10.08 25.62
C THR K 21 19.54 10.86 24.32
N ILE K 22 20.76 10.74 23.80
CA ILE K 22 21.12 11.34 22.51
C ILE K 22 20.27 10.74 21.39
N ALA K 23 20.22 9.41 21.35
CA ALA K 23 19.45 8.66 20.35
C ALA K 23 17.94 8.96 20.43
N SER K 24 17.33 8.62 21.56
CA SER K 24 15.88 8.76 21.74
C SER K 24 15.33 10.19 21.51
N GLU K 25 16.14 11.21 21.82
CA GLU K 25 15.75 12.60 21.50
C GLU K 25 15.84 12.89 20.00
N SER K 26 16.91 12.42 19.36
CA SER K 26 17.05 12.53 17.90
C SER K 26 16.05 11.66 17.14
N LEU K 27 15.67 10.52 17.73
CA LEU K 27 14.62 9.65 17.19
C LEU K 27 13.25 10.31 17.30
N GLU K 28 12.97 10.90 18.47
CA GLU K 28 11.72 11.62 18.69
C GLU K 28 11.55 12.79 17.72
N GLN K 29 12.65 13.44 17.34
CA GLN K 29 12.62 14.51 16.34
C GLN K 29 12.24 14.01 14.94
N ARG K 30 12.78 12.85 14.55
CA ARG K 30 12.38 12.20 13.29
C ARG K 30 10.90 11.80 13.28
N ILE K 31 10.42 11.30 14.41
CA ILE K 31 9.00 11.01 14.57
C ILE K 31 8.17 12.28 14.41
N THR K 32 8.54 13.34 15.13
CA THR K 32 7.84 14.62 15.06
C THR K 32 7.89 15.24 13.66
N SER K 33 9.01 15.07 12.96
CA SER K 33 9.17 15.60 11.59
C SER K 33 8.20 14.93 10.60
N LEU K 34 8.07 13.61 10.68
CA LEU K 34 7.10 12.87 9.84
C LEU K 34 5.66 13.23 10.18
N GLU K 35 5.39 13.45 11.47
CA GLU K 35 4.07 13.88 11.93
C GLU K 35 3.68 15.25 11.37
N ASN K 36 4.65 16.16 11.31
CA ASN K 36 4.43 17.46 10.70
C ASN K 36 4.12 17.34 9.21
N GLY K 37 4.91 16.53 8.51
CA GLY K 37 4.73 16.32 7.07
C GLY K 37 3.46 15.63 6.62
N LEU K 38 2.86 14.85 7.51
CA LEU K 38 1.58 14.19 7.26
C LEU K 38 0.40 15.17 7.33
N LYS K 39 0.50 16.19 8.18
CA LYS K 39 -0.59 17.16 8.39
C LYS K 39 -1.08 17.88 7.10
N PRO K 40 -0.16 18.29 6.22
CA PRO K 40 -0.52 18.83 4.90
C PRO K 40 -1.32 17.91 4.00
N VAL K 41 -1.04 16.60 4.03
CA VAL K 41 -1.72 15.64 3.15
C VAL K 41 -3.24 15.63 3.42
N TYR K 42 -3.65 15.94 4.65
CA TYR K 42 -5.09 16.14 4.97
C TYR K 42 -5.74 17.24 4.12
N ASP K 43 -4.99 18.30 3.82
CA ASP K 43 -5.49 19.38 2.96
C ASP K 43 -5.57 19.01 1.46
N MET K 44 -5.60 17.71 1.14
CA MET K 44 -5.84 17.26 -0.23
C MET K 44 -7.29 17.47 -0.66
N ALA K 45 -8.24 17.36 0.27
CA ALA K 45 -9.68 17.47 -0.03
C ALA K 45 -10.01 18.60 -1.01
N LYS K 46 -9.49 19.79 -0.77
CA LYS K 46 -9.67 20.93 -1.68
C LYS K 46 -9.17 20.61 -3.09
N THR K 47 -7.99 19.99 -3.17
CA THR K 47 -7.39 19.60 -4.44
C THR K 47 -8.11 18.42 -5.12
N ILE K 48 -8.57 17.42 -4.34
CA ILE K 48 -9.41 16.34 -4.89
C ILE K 48 -10.77 16.87 -5.31
N SER K 49 -11.28 17.88 -4.61
CA SER K 49 -12.50 18.55 -5.03
C SER K 49 -12.30 19.33 -6.35
N SER K 50 -11.11 19.90 -6.55
CA SER K 50 -10.76 20.54 -7.83
C SER K 50 -10.61 19.53 -8.97
N LEU K 51 -9.93 18.43 -8.71
CA LEU K 51 -9.81 17.32 -9.68
C LEU K 51 -11.18 16.96 -10.24
N ASN K 52 -12.18 16.90 -9.36
CA ASN K 52 -13.54 16.53 -9.77
C ASN K 52 -14.22 17.60 -10.63
N ARG K 53 -14.02 18.87 -10.28
CA ARG K 53 -14.50 19.98 -11.12
C ARG K 53 -13.95 19.80 -12.52
N VAL K 54 -12.64 19.60 -12.61
CA VAL K 54 -11.96 19.42 -13.89
C VAL K 54 -12.47 18.17 -14.59
N CYS K 55 -12.46 17.05 -13.87
CA CYS K 55 -12.89 15.75 -14.41
C CYS K 55 -14.27 15.80 -15.06
N ALA K 56 -15.17 16.61 -14.49
CA ALA K 56 -16.51 16.82 -15.04
C ALA K 56 -16.48 17.69 -16.29
N GLU K 57 -15.78 18.83 -16.20
CA GLU K 57 -15.65 19.76 -17.33
C GLU K 57 -15.15 19.09 -18.61
N MET K 58 -14.25 18.12 -18.49
CA MET K 58 -13.74 17.38 -19.64
C MET K 58 -14.80 16.51 -20.30
N VAL K 59 -15.64 15.87 -19.49
CA VAL K 59 -16.78 15.12 -20.01
C VAL K 59 -17.80 16.10 -20.62
N ALA K 60 -17.97 17.26 -19.99
CA ALA K 60 -18.87 18.31 -20.48
C ALA K 60 -18.54 18.85 -21.88
N LYS K 61 -17.30 18.71 -22.33
CA LYS K 61 -16.94 19.08 -23.70
C LYS K 61 -17.55 18.12 -24.75
N TYR K 62 -17.96 16.93 -24.33
CA TYR K 62 -18.66 15.98 -25.18
C TYR K 62 -20.19 16.07 -25.05
N ASP K 63 -20.71 17.24 -24.67
CA ASP K 63 -22.16 17.44 -24.51
C ASP K 63 -22.86 17.43 -25.85
N LEU K 64 -22.34 18.20 -26.81
CA LEU K 64 -22.95 18.29 -28.15
C LEU K 64 -22.79 17.00 -28.96
N LEU K 65 -21.73 16.23 -28.72
CA LEU K 65 -21.60 14.88 -29.31
C LEU K 65 -22.46 13.83 -28.60
N LEU K 66 -22.71 14.01 -27.29
CA LEU K 66 -23.68 13.19 -26.56
C LEU K 66 -25.08 13.32 -27.20
N GLU K 67 -25.53 14.57 -27.39
CA GLU K 67 -26.84 14.86 -28.03
C GLU K 67 -26.98 14.29 -29.45
N HIS K 68 -25.88 14.22 -30.18
CA HIS K 68 -25.87 13.63 -31.52
C HIS K 68 -26.16 12.13 -31.48
N HIS K 69 -25.66 11.45 -30.45
CA HIS K 69 -25.93 10.02 -30.23
C HIS K 69 -27.39 9.73 -29.82
N HIS K 70 -28.02 10.63 -29.05
CA HIS K 70 -29.40 10.44 -28.59
C HIS K 70 -30.41 10.48 -29.75
N HIS K 71 -30.27 11.46 -30.63
CA HIS K 71 -31.17 11.61 -31.79
C HIS K 71 -30.89 10.58 -32.89
N HIS K 72 -29.68 10.01 -32.90
CA HIS K 72 -29.29 8.95 -33.85
C HIS K 72 -28.79 7.73 -33.06
N HIS K 73 -29.73 6.89 -32.62
CA HIS K 73 -29.56 5.77 -31.65
C HIS K 73 -29.87 6.19 -30.22
N MET L 1 36.47 8.82 44.12
CA MET L 1 34.98 8.71 44.18
C MET L 1 34.51 8.47 45.61
N SER L 2 33.86 9.47 46.20
CA SER L 2 33.27 9.35 47.55
C SER L 2 32.01 8.51 47.46
N PHE L 3 31.66 7.84 48.56
CA PHE L 3 30.50 6.95 48.58
C PHE L 3 29.18 7.72 48.44
N GLU L 4 29.06 8.86 49.11
CA GLU L 4 27.84 9.66 49.04
C GLU L 4 27.71 10.46 47.72
N GLU L 5 28.80 10.57 46.96
CA GLU L 5 28.72 10.96 45.54
C GLU L 5 28.08 9.83 44.73
N VAL L 6 28.59 8.61 44.93
CA VAL L 6 28.10 7.41 44.24
C VAL L 6 26.60 7.17 44.47
N VAL L 7 26.10 7.42 45.68
CA VAL L 7 24.67 7.28 45.98
C VAL L 7 23.84 8.30 45.19
N GLN L 8 24.38 9.50 45.02
CA GLN L 8 23.72 10.57 44.24
C GLN L 8 23.81 10.34 42.73
N THR L 9 24.95 9.85 42.24
CA THR L 9 25.14 9.57 40.80
C THR L 9 24.24 8.41 40.33
N LEU L 10 24.08 7.39 41.17
CA LEU L 10 23.15 6.28 40.90
C LEU L 10 21.69 6.70 41.07
N ALA L 11 21.41 7.65 41.96
CA ALA L 11 20.07 8.22 42.11
C ALA L 11 19.61 9.03 40.88
N SER L 12 20.56 9.64 40.16
CA SER L 12 20.28 10.34 38.89
C SER L 12 19.86 9.38 37.78
N LEU L 13 20.73 8.41 37.49
CA LEU L 13 20.49 7.43 36.44
C LEU L 13 19.21 6.63 36.66
N ALA L 14 18.93 6.27 37.91
CA ALA L 14 17.72 5.51 38.26
C ALA L 14 16.40 6.24 37.94
N THR L 15 16.41 7.58 38.00
CA THR L 15 15.24 8.40 37.62
C THR L 15 15.25 8.84 36.15
N VAL L 16 16.42 8.91 35.53
CA VAL L 16 16.55 9.06 34.06
C VAL L 16 15.99 7.81 33.36
N VAL L 17 16.39 6.64 33.86
CA VAL L 17 15.89 5.35 33.39
C VAL L 17 14.36 5.26 33.41
N GLN L 18 13.72 5.71 34.50
CA GLN L 18 12.26 5.77 34.60
C GLN L 18 11.62 6.54 33.44
N GLN L 19 12.14 7.75 33.20
CA GLN L 19 11.59 8.67 32.21
C GLN L 19 11.76 8.15 30.78
N GLN L 20 12.94 7.60 30.47
CA GLN L 20 13.18 7.03 29.14
C GLN L 20 12.44 5.73 28.86
N THR L 21 12.11 4.97 29.90
CA THR L 21 11.22 3.81 29.76
C THR L 21 9.82 4.25 29.33
N ILE L 22 9.35 5.36 29.90
CA ILE L 22 8.04 5.90 29.59
C ILE L 22 8.08 6.77 28.32
N ALA L 23 9.22 7.40 28.04
CA ALA L 23 9.41 8.16 26.79
C ALA L 23 9.47 7.23 25.58
N SER L 24 10.15 6.10 25.74
CA SER L 24 10.09 5.00 24.77
C SER L 24 8.65 4.54 24.61
N GLU L 25 7.95 4.34 25.72
CA GLU L 25 6.53 3.95 25.72
C GLU L 25 5.63 5.02 25.06
N SER L 26 6.01 6.29 25.15
CA SER L 26 5.36 7.37 24.40
C SER L 26 5.56 7.18 22.90
N LEU L 27 6.81 7.01 22.47
CA LEU L 27 7.14 6.87 21.05
C LEU L 27 6.51 5.61 20.40
N GLU L 28 6.12 4.63 21.21
CA GLU L 28 5.26 3.52 20.78
C GLU L 28 3.95 4.01 20.17
N GLN L 29 3.26 4.92 20.87
CA GLN L 29 1.99 5.51 20.38
C GLN L 29 2.20 6.25 19.06
N ARG L 30 3.30 7.00 18.99
CA ARG L 30 3.56 7.94 17.90
C ARG L 30 3.95 7.21 16.61
N ILE L 31 4.78 6.17 16.75
CA ILE L 31 5.15 5.31 15.63
C ILE L 31 3.98 4.42 15.19
N THR L 32 3.24 3.87 16.15
CA THR L 32 2.05 3.06 15.83
C THR L 32 0.97 3.88 15.12
N SER L 33 0.83 5.15 15.50
CA SER L 33 -0.04 6.07 14.80
C SER L 33 0.50 6.40 13.39
N LEU L 34 1.75 6.87 13.30
CA LEU L 34 2.39 7.18 11.99
C LEU L 34 2.30 6.04 11.01
N GLU L 35 2.61 4.83 11.47
CA GLU L 35 2.45 3.61 10.67
C GLU L 35 1.02 3.40 10.17
N ASN L 36 0.04 3.69 11.02
CA ASN L 36 -1.37 3.66 10.60
C ASN L 36 -1.65 4.78 9.59
N GLY L 37 -1.28 6.02 9.94
CA GLY L 37 -1.60 7.18 9.12
C GLY L 37 -0.86 7.33 7.81
N LEU L 38 0.28 6.64 7.65
CA LEU L 38 1.08 6.73 6.43
C LEU L 38 0.69 5.73 5.35
N LYS L 39 0.17 4.57 5.74
CA LYS L 39 -0.32 3.59 4.76
C LYS L 39 -1.23 4.24 3.69
N PRO L 40 -2.28 4.99 4.11
CA PRO L 40 -3.14 5.66 3.13
C PRO L 40 -2.50 6.85 2.40
N VAL L 41 -1.52 7.51 3.02
CA VAL L 41 -0.77 8.58 2.34
C VAL L 41 0.06 7.99 1.18
N TYR L 42 0.75 6.88 1.42
CA TYR L 42 1.55 6.23 0.37
C TYR L 42 0.69 5.60 -0.73
N ASP L 43 -0.52 5.16 -0.37
CA ASP L 43 -1.49 4.68 -1.36
C ASP L 43 -1.88 5.79 -2.33
N MET L 44 -2.28 6.95 -1.80
CA MET L 44 -2.65 8.10 -2.63
C MET L 44 -1.52 8.57 -3.53
N ALA L 45 -0.29 8.47 -3.03
CA ALA L 45 0.89 8.79 -3.83
C ALA L 45 0.92 8.02 -5.14
N LYS L 46 0.50 6.76 -5.09
CA LYS L 46 0.46 5.91 -6.28
C LYS L 46 -0.66 6.29 -7.25
N THR L 47 -1.80 6.75 -6.73
CA THR L 47 -2.89 7.23 -7.58
C THR L 47 -2.58 8.61 -8.15
N ILE L 48 -1.94 9.46 -7.35
CA ILE L 48 -1.40 10.76 -7.82
C ILE L 48 -0.34 10.53 -8.91
N SER L 49 0.43 9.44 -8.78
CA SER L 49 1.29 8.96 -9.86
C SER L 49 0.47 8.72 -11.14
N SER L 50 -0.49 7.78 -11.09
CA SER L 50 -1.38 7.51 -12.24
C SER L 50 -2.09 8.77 -12.77
N LEU L 51 -2.52 9.64 -11.88
CA LEU L 51 -3.12 10.92 -12.26
C LEU L 51 -2.20 11.73 -13.19
N ASN L 52 -0.89 11.69 -12.92
CA ASN L 52 0.08 12.39 -13.78
C ASN L 52 0.11 11.78 -15.16
N ARG L 53 0.23 10.46 -15.23
CA ARG L 53 0.22 9.73 -16.49
C ARG L 53 -0.99 10.12 -17.34
N VAL L 54 -2.18 10.13 -16.73
CA VAL L 54 -3.42 10.48 -17.42
C VAL L 54 -3.40 11.93 -17.93
N CYS L 55 -2.98 12.86 -17.09
CA CYS L 55 -2.86 14.27 -17.50
C CYS L 55 -1.79 14.44 -18.57
N ALA L 56 -0.68 13.71 -18.44
CA ALA L 56 0.41 13.74 -19.43
C ALA L 56 -0.02 13.12 -20.75
N GLU L 57 -0.87 12.10 -20.66
CA GLU L 57 -1.48 11.48 -21.83
C GLU L 57 -2.41 12.46 -22.55
N MET L 58 -3.36 13.03 -21.81
CA MET L 58 -4.29 14.05 -22.34
C MET L 58 -3.58 15.10 -23.17
N VAL L 59 -2.46 15.61 -22.63
CA VAL L 59 -1.66 16.66 -23.28
C VAL L 59 -1.13 16.20 -24.65
N ALA L 60 -0.60 14.99 -24.71
CA ALA L 60 -0.06 14.43 -25.96
C ALA L 60 -1.15 14.19 -27.01
N LYS L 61 -2.29 13.67 -26.55
CA LYS L 61 -3.43 13.41 -27.42
C LYS L 61 -4.09 14.69 -27.90
N TYR L 62 -4.22 15.66 -27.00
CA TYR L 62 -4.74 16.97 -27.37
C TYR L 62 -3.79 17.72 -28.32
N ASP L 63 -2.49 17.45 -28.22
CA ASP L 63 -1.54 18.01 -29.19
C ASP L 63 -1.88 17.56 -30.61
N LEU L 64 -2.19 16.27 -30.79
CA LEU L 64 -2.61 15.76 -32.11
C LEU L 64 -3.86 16.45 -32.66
N LEU L 65 -4.79 16.82 -31.78
CA LEU L 65 -5.96 17.60 -32.21
C LEU L 65 -5.60 19.00 -32.67
N LEU L 66 -4.58 19.61 -32.05
CA LEU L 66 -4.10 20.95 -32.47
C LEU L 66 -3.33 20.92 -33.80
N GLU L 67 -2.51 19.89 -34.02
CA GLU L 67 -1.75 19.77 -35.28
C GLU L 67 -2.71 19.55 -36.46
N HIS L 68 -3.82 18.85 -36.20
CA HIS L 68 -4.94 18.77 -37.13
C HIS L 68 -5.51 20.17 -37.47
N HIS L 69 -5.82 20.97 -36.44
CA HIS L 69 -6.48 22.28 -36.64
C HIS L 69 -5.64 23.31 -37.44
N HIS L 70 -4.31 23.30 -37.29
CA HIS L 70 -3.45 24.21 -38.06
C HIS L 70 -3.49 23.89 -39.56
N HIS L 71 -3.36 22.60 -39.89
CA HIS L 71 -3.31 22.15 -41.28
C HIS L 71 -4.66 22.25 -41.99
N HIS L 72 -5.76 22.06 -41.27
CA HIS L 72 -7.12 22.11 -41.83
C HIS L 72 -7.85 23.45 -41.63
N HIS L 73 -7.35 24.30 -40.72
CA HIS L 73 -7.84 25.67 -40.55
C HIS L 73 -6.65 26.64 -40.39
HG HG M . 15.15 -12.58 8.73
HG HG N . 19.12 -19.99 12.86
HG HG O . -0.60 -16.41 13.34
HG HG P . -0.97 -23.63 9.21
HG HG Q . 16.44 -12.49 13.27
HG HG R . -14.37 11.65 -9.31
HG HG S . -15.69 12.77 -13.79
HG HG T . -0.37 24.88 -18.15
HG HG U . -16.05 18.63 -6.20
HG HG V . 0.44 16.53 -16.93
HG HG W . 1.83 16.32 -11.98
#